data_7OI4
#
_entry.id   7OI4
#
_cell.length_a   141.847
_cell.length_b   65.161
_cell.length_c   116.426
_cell.angle_alpha   90.000
_cell.angle_beta   103.752
_cell.angle_gamma   90.000
#
_symmetry.space_group_name_H-M   'C 1 2 1'
#
loop_
_entity.id
_entity.type
_entity.pdbx_description
1 polymer 'Phosphatidylinositol 4,5-bisphosphate 3-kinase catalytic subunit delta isoform'
2 non-polymer N-[5-[2-[(1S)-1-cyclopropylethyl]-7-[[4-[(dimethylamino)methyl]phenyl]sulfamoyl]-1-oxidanylidene-3H-isoindol-5-yl]-4-methyl-1,3-thiazol-2-yl]ethanamide
3 water water
#
_entity_poly.entity_id   1
_entity_poly.type   'polypeptide(L)'
_entity_poly.pdbx_seq_one_letter_code
;MSYHNHNHNHNHNHNDYDIPTTENLYFQGAMDLMPPGVDCPMEFWTKEESQSVVVDFLLPTGVYLNFPVSRNANLSTIKQ
VLWHRAQYEPLFHMLSDPEAYVFTCVNQTAEQQELEDEQRRLCDIQPFLPVLRLVAREENLYFQGGDRVKKLINSQISLL
IGKGLHEFDSLRDPEVNDFRTKMRQFCEEAAAHRQQLGWVEWLQYSFPLQLEPSARGWRAGLLRVSNRALLVNVKFEGSE
ESFTFQVSTKDMPLALMACALRKKATVFRQPLVEQPEEYALQVNGRHEYLYGNYPLCHFQYICSCLHSGLTPHLTMVHSS
SILAMRDEQSNPAPQVQKPRAKPPPIPAKKPSSVSLWSLEQPFSIELIEGRKVNADERMKLVVQAGLFHGNEMLCKTVSS
SEVNVCSEPVWKQRLEFDISVCDLPRMARLCFALYAVVEKAKKARSTKKKSKKADCPIAWANLMLFDYKDQLKTGERCLY
MWPSVPDEKGELLNPAGTVRGNPNTESAAALVIYLPEVAPHPVYFPALEKILELGRHGERGRITEEEQLQLREILERRGS
GELYEHEKDLVWKMRHEVQEHFPEALARLLLVTKWNKHEDVAQMLYLLCSWPELPVLSALELLDFSFPDCYVGSFAIKSL
RKLTDDELFQYLLQLVQVLKYESYLDCELTKFLLGRALANRKIGHFLFWHLRSEMHVPSVALRFGLIMEAYCRGSTHHMK
VLMKQGEALSKLKALNDFVKVSSQKTTKPQTKEMMHMCMRQETYMEALSHLQSPLDPSTLLEEVCVEQCTFMDSKMKPLW
IMYSSEEAGSAGNVGIIFKNGDDLRQDMLTLQMIQLMDVLWKQEGLDLRMTPYGCLPTGDRTGLIEVVLHSDTIANIQLN
KSNMAATAAFNKDALLNWLKSKNPGEALDRAIEEFTLSCAGYCVATYVLGIGDRHSDNIMIRESGQLFHIDFGHFLGNFK
TKFGINRERVPFILTYDFVHVIQQGKTNNSEKFERFRGYCERAYTILRRHGLLFLHLFALMRAAGLPELSCSKDIQYLKD
SLALGKTEEEALKHFRVKFNEALRESWKTKVNWLAHNVSKDNRQ
;
_entity_poly.pdbx_strand_id   AAA
#
# COMPACT_ATOMS: atom_id res chain seq x y z
N VAL A 149 23.80 22.86 13.41
CA VAL A 149 22.94 21.68 13.79
C VAL A 149 21.71 21.67 12.89
N LYS A 150 20.99 22.79 12.87
CA LYS A 150 19.95 23.14 11.87
C LYS A 150 20.47 22.78 10.45
N LYS A 151 21.72 23.14 10.15
CA LYS A 151 22.36 22.91 8.83
C LYS A 151 22.61 21.41 8.61
N LEU A 152 23.17 20.73 9.61
CA LEU A 152 23.44 19.26 9.53
C LEU A 152 22.11 18.53 9.25
N ILE A 153 21.03 18.87 9.95
CA ILE A 153 19.71 18.20 9.83
C ILE A 153 19.25 18.39 8.39
N ASN A 154 19.29 19.63 7.87
CA ASN A 154 18.92 19.92 6.47
C ASN A 154 19.75 19.02 5.53
N SER A 155 21.04 18.85 5.72
CA SER A 155 21.85 18.03 4.79
C SER A 155 21.46 16.54 4.95
N GLN A 156 21.12 16.12 6.14
CA GLN A 156 20.72 14.70 6.42
C GLN A 156 19.34 14.44 5.81
N ILE A 157 18.41 15.36 5.91
CA ILE A 157 17.07 15.18 5.24
C ILE A 157 17.30 15.11 3.74
N SER A 158 18.09 16.02 3.17
CA SER A 158 18.41 16.04 1.72
C SER A 158 18.92 14.67 1.23
N LEU A 159 19.89 14.09 1.92
CA LEU A 159 20.46 12.76 1.56
C LEU A 159 19.36 11.69 1.66
N LEU A 160 18.63 11.66 2.77
CA LEU A 160 17.61 10.61 3.06
C LEU A 160 16.53 10.61 1.98
N ILE A 161 15.95 11.76 1.62
CA ILE A 161 14.76 11.82 0.72
C ILE A 161 15.20 11.76 -0.74
N GLY A 162 16.49 11.93 -1.04
CA GLY A 162 17.04 11.86 -2.41
C GLY A 162 16.82 13.15 -3.19
N LYS A 163 16.69 14.27 -2.50
CA LYS A 163 16.38 15.58 -3.12
C LYS A 163 16.93 16.70 -2.23
N GLY A 164 17.74 17.60 -2.80
CA GLY A 164 18.30 18.71 -2.02
C GLY A 164 17.19 19.66 -1.58
N LEU A 165 17.17 20.03 -0.29
CA LEU A 165 16.10 20.91 0.25
C LEU A 165 16.23 22.29 -0.42
N HIS A 166 17.44 22.60 -0.88
CA HIS A 166 17.75 23.87 -1.57
C HIS A 166 16.89 23.93 -2.85
N GLU A 167 16.54 22.78 -3.46
CA GLU A 167 15.81 22.72 -4.74
C GLU A 167 14.35 23.17 -4.55
N PHE A 168 13.83 23.04 -3.33
CA PHE A 168 12.48 23.53 -2.97
C PHE A 168 12.48 25.06 -3.13
N ASP A 169 13.40 25.75 -2.45
CA ASP A 169 13.47 27.24 -2.36
C ASP A 169 13.59 27.87 -3.74
N SER A 170 14.34 27.22 -4.63
CA SER A 170 14.66 27.67 -6.01
C SER A 170 13.42 27.70 -6.88
N LEU A 171 12.34 27.02 -6.50
CA LEU A 171 11.07 27.07 -7.26
C LEU A 171 10.40 28.44 -7.08
N ARG A 172 10.68 29.13 -5.98
CA ARG A 172 10.10 30.44 -5.63
C ARG A 172 8.57 30.34 -5.60
N ASP A 173 8.04 29.20 -5.18
CA ASP A 173 6.60 28.83 -5.24
C ASP A 173 5.99 29.09 -3.86
N PRO A 174 5.09 30.09 -3.74
CA PRO A 174 4.45 30.36 -2.45
C PRO A 174 3.68 29.14 -1.90
N GLU A 175 3.07 28.33 -2.77
CA GLU A 175 2.30 27.14 -2.31
C GLU A 175 3.29 26.16 -1.65
N VAL A 176 4.47 26.02 -2.24
CA VAL A 176 5.51 25.09 -1.68
C VAL A 176 5.98 25.68 -0.36
N ASN A 177 6.23 26.99 -0.35
CA ASN A 177 6.77 27.63 0.86
C ASN A 177 5.74 27.50 1.97
N ASP A 178 4.45 27.67 1.66
CA ASP A 178 3.38 27.69 2.69
C ASP A 178 3.18 26.25 3.20
N PHE A 179 3.27 25.28 2.31
CA PHE A 179 3.23 23.84 2.68
C PHE A 179 4.32 23.56 3.70
N ARG A 180 5.55 23.96 3.38
CA ARG A 180 6.72 23.66 4.22
C ARG A 180 6.58 24.30 5.61
N THR A 181 6.23 25.58 5.72
CA THR A 181 6.17 26.22 7.05
C THR A 181 5.02 25.64 7.87
N LYS A 182 3.85 25.44 7.25
CA LYS A 182 2.63 24.94 7.94
C LYS A 182 2.85 23.49 8.41
N MET A 183 3.32 22.63 7.54
CA MET A 183 3.52 21.20 7.93
C MET A 183 4.68 21.06 8.93
N ARG A 184 5.70 21.91 8.88
CA ARG A 184 6.81 21.86 9.86
C ARG A 184 6.29 22.13 11.29
N GLN A 185 5.41 23.11 11.43
CA GLN A 185 4.83 23.48 12.74
C GLN A 185 3.94 22.32 13.19
N PHE A 186 3.13 21.78 12.30
CA PHE A 186 2.24 20.63 12.57
C PHE A 186 3.09 19.45 13.09
N CYS A 187 4.16 19.12 12.38
CA CYS A 187 5.04 17.96 12.68
C CYS A 187 5.84 18.24 13.94
N GLU A 188 6.26 19.50 14.20
CA GLU A 188 7.02 19.84 15.44
C GLU A 188 6.09 19.81 16.67
N GLU A 189 4.83 20.20 16.53
CA GLU A 189 3.81 20.10 17.60
C GLU A 189 3.59 18.62 17.93
N ALA A 190 3.57 17.77 16.91
CA ALA A 190 3.34 16.32 17.13
C ALA A 190 4.53 15.79 17.90
N ALA A 191 5.75 16.25 17.57
CA ALA A 191 7.01 15.82 18.22
C ALA A 191 7.00 16.27 19.68
N ALA A 192 6.51 17.47 19.97
CA ALA A 192 6.52 18.01 21.36
C ALA A 192 5.61 17.13 22.23
N HIS A 193 4.44 16.75 21.71
CA HIS A 193 3.44 15.88 22.39
C HIS A 193 4.08 14.50 22.63
N ARG A 194 4.80 13.99 21.64
CA ARG A 194 5.36 12.62 21.76
C ARG A 194 6.40 12.59 22.88
N GLN A 195 7.18 13.66 23.04
CA GLN A 195 8.31 13.66 23.99
C GLN A 195 7.84 13.71 25.46
N GLN A 196 6.57 14.01 25.71
CA GLN A 196 6.00 14.06 27.08
C GLN A 196 5.03 12.90 27.31
N LEU A 197 4.91 11.97 26.35
CA LEU A 197 4.07 10.77 26.57
C LEU A 197 4.54 10.08 27.84
N GLY A 198 3.58 9.48 28.54
CA GLY A 198 3.86 8.58 29.66
C GLY A 198 4.43 7.28 29.10
N TRP A 199 5.06 6.47 29.92
CA TRP A 199 5.85 5.32 29.38
C TRP A 199 4.95 4.29 28.66
N VAL A 200 3.73 4.05 29.11
CA VAL A 200 2.78 3.11 28.42
C VAL A 200 2.40 3.71 27.06
N GLU A 201 2.16 5.02 27.02
CA GLU A 201 1.85 5.75 25.78
C GLU A 201 3.02 5.69 24.81
N TRP A 202 4.24 5.81 25.30
CA TRP A 202 5.46 5.79 24.43
C TRP A 202 5.58 4.37 23.85
N LEU A 203 5.40 3.32 24.65
CA LEU A 203 5.36 1.90 24.17
C LEU A 203 4.37 1.79 23.01
N GLN A 204 3.15 2.30 23.18
CA GLN A 204 2.08 2.31 22.15
C GLN A 204 2.56 3.08 20.91
N TYR A 205 3.33 4.16 21.07
CA TYR A 205 3.85 4.95 19.95
C TYR A 205 4.91 4.11 19.20
N SER A 206 5.90 3.61 19.94
CA SER A 206 7.14 3.03 19.35
C SER A 206 6.96 1.54 19.04
N PHE A 207 6.24 0.84 19.88
CA PHE A 207 6.06 -0.64 19.78
C PHE A 207 4.59 -1.01 19.75
N PRO A 208 3.81 -0.55 18.77
CA PRO A 208 2.37 -0.78 18.74
C PRO A 208 2.12 -2.28 18.76
N LEU A 209 1.11 -2.76 19.48
CA LEU A 209 0.90 -4.24 19.64
C LEU A 209 0.63 -4.94 18.30
N GLN A 210 1.18 -6.13 18.11
CA GLN A 210 0.94 -6.98 16.93
C GLN A 210 0.00 -8.07 17.44
N LEU A 211 -1.29 -7.91 17.20
CA LEU A 211 -2.33 -8.87 17.67
C LEU A 211 -2.85 -9.65 16.48
N GLU A 212 -3.32 -10.88 16.72
CA GLU A 212 -4.00 -11.70 15.67
C GLU A 212 -5.32 -11.03 15.26
N PRO A 213 -5.71 -11.10 13.97
CA PRO A 213 -6.95 -10.47 13.49
C PRO A 213 -8.30 -10.83 14.15
N ASN A 227 -6.86 -22.36 29.64
CA ASN A 227 -7.09 -23.03 28.34
C ASN A 227 -5.98 -24.08 28.15
N ARG A 228 -4.87 -23.76 27.47
CA ARG A 228 -3.85 -24.76 27.04
C ARG A 228 -2.45 -24.34 27.55
N ALA A 229 -1.59 -25.32 27.81
CA ALA A 229 -0.27 -25.14 28.48
C ALA A 229 0.77 -24.61 27.48
N LEU A 230 1.60 -23.65 27.88
CA LEU A 230 2.83 -23.41 27.09
C LEU A 230 3.95 -22.89 28.00
N LEU A 231 5.17 -23.25 27.62
CA LEU A 231 6.43 -22.86 28.28
C LEU A 231 6.89 -21.52 27.71
N VAL A 232 7.28 -20.58 28.58
CA VAL A 232 7.88 -19.27 28.20
C VAL A 232 9.17 -19.06 28.99
N ASN A 233 10.24 -18.63 28.33
CA ASN A 233 11.51 -18.25 29.01
C ASN A 233 11.42 -16.74 29.23
N VAL A 234 11.75 -16.29 30.43
CA VAL A 234 11.74 -14.86 30.84
C VAL A 234 13.04 -14.53 31.57
N LYS A 235 13.62 -13.39 31.25
CA LYS A 235 14.82 -12.87 31.94
C LYS A 235 14.55 -11.41 32.26
N PHE A 236 15.35 -10.81 33.13
CA PHE A 236 15.35 -9.34 33.34
C PHE A 236 16.42 -8.74 32.44
N GLU A 237 16.27 -7.44 32.13
CA GLU A 237 16.99 -6.72 31.05
C GLU A 237 18.51 -6.91 31.20
N GLY A 238 19.05 -6.67 32.40
CA GLY A 238 20.51 -6.67 32.62
C GLY A 238 20.99 -7.94 33.32
N SER A 239 20.74 -9.12 32.75
CA SER A 239 21.09 -10.42 33.37
C SER A 239 21.11 -11.56 32.34
N GLU A 240 22.08 -12.47 32.48
CA GLU A 240 22.15 -13.75 31.72
C GLU A 240 21.04 -14.67 32.23
N GLU A 241 20.83 -14.70 33.55
CA GLU A 241 19.94 -15.66 34.26
C GLU A 241 18.49 -15.49 33.76
N SER A 242 17.79 -16.61 33.66
CA SER A 242 16.45 -16.71 33.04
C SER A 242 15.68 -17.84 33.73
N PHE A 243 14.35 -17.80 33.64
CA PHE A 243 13.43 -18.80 34.23
C PHE A 243 12.49 -19.26 33.11
N THR A 244 12.35 -20.58 32.91
CA THR A 244 11.33 -21.15 32.01
C THR A 244 10.09 -21.42 32.87
N PHE A 245 8.99 -20.71 32.60
CA PHE A 245 7.69 -20.76 33.35
C PHE A 245 6.67 -21.58 32.54
N GLN A 246 5.81 -22.31 33.23
CA GLN A 246 4.60 -22.86 32.59
C GLN A 246 3.45 -21.87 32.84
N VAL A 247 2.81 -21.39 31.77
CA VAL A 247 1.62 -20.50 31.86
C VAL A 247 0.55 -21.08 30.95
N SER A 248 -0.62 -20.43 30.90
CA SER A 248 -1.70 -20.80 29.98
C SER A 248 -1.75 -19.83 28.79
N THR A 249 -2.20 -20.32 27.65
CA THR A 249 -2.50 -19.50 26.44
C THR A 249 -3.49 -18.40 26.80
N LYS A 250 -4.30 -18.55 27.85
CA LYS A 250 -5.34 -17.56 28.23
C LYS A 250 -4.80 -16.58 29.27
N ASP A 251 -3.59 -16.77 29.81
CA ASP A 251 -3.03 -15.85 30.83
C ASP A 251 -2.66 -14.53 30.15
N MET A 252 -2.80 -13.42 30.87
CA MET A 252 -2.36 -12.07 30.40
C MET A 252 -0.87 -11.92 30.68
N PRO A 253 -0.20 -10.97 29.97
CA PRO A 253 1.17 -10.57 30.31
C PRO A 253 1.38 -10.26 31.80
N LEU A 254 0.43 -9.57 32.41
CA LEU A 254 0.61 -9.17 33.84
C LEU A 254 0.86 -10.42 34.72
N ALA A 255 0.13 -11.52 34.50
CA ALA A 255 0.30 -12.78 35.26
C ALA A 255 1.76 -13.23 35.09
N LEU A 256 2.24 -13.20 33.85
CA LEU A 256 3.56 -13.75 33.46
C LEU A 256 4.63 -12.92 34.17
N MET A 257 4.46 -11.60 34.19
CA MET A 257 5.39 -10.64 34.83
C MET A 257 5.35 -10.81 36.36
N ALA A 258 4.18 -11.11 36.92
CA ALA A 258 4.04 -11.39 38.36
C ALA A 258 4.90 -12.63 38.69
N CYS A 259 4.79 -13.71 37.91
CA CYS A 259 5.59 -14.95 38.13
C CYS A 259 7.07 -14.62 38.07
N ALA A 260 7.47 -13.88 37.03
CA ALA A 260 8.87 -13.47 36.81
C ALA A 260 9.40 -12.76 38.07
N LEU A 261 8.64 -11.82 38.64
CA LEU A 261 9.13 -11.01 39.78
C LEU A 261 9.19 -11.85 41.06
N ARG A 262 8.24 -12.76 41.25
CA ARG A 262 8.24 -13.67 42.44
C ARG A 262 9.47 -14.57 42.35
N LYS A 263 9.74 -15.15 41.17
CA LYS A 263 10.95 -15.97 40.93
C LYS A 263 12.19 -15.15 41.28
N LYS A 264 12.29 -13.90 40.83
CA LYS A 264 13.47 -13.02 41.03
C LYS A 264 13.65 -12.71 42.52
N ALA A 265 12.56 -12.67 43.30
CA ALA A 265 12.56 -12.24 44.72
C ALA A 265 13.01 -13.37 45.66
N THR A 266 12.90 -14.64 45.23
CA THR A 266 13.45 -15.83 45.96
C THR A 266 14.92 -16.01 45.57
N VAL A 267 15.30 -15.62 44.34
CA VAL A 267 16.69 -15.74 43.81
C VAL A 267 17.56 -14.58 44.31
N PHE A 268 17.01 -13.35 44.42
CA PHE A 268 17.73 -12.16 44.95
C PHE A 268 17.38 -11.95 46.44
N ARG A 269 16.77 -12.96 47.07
CA ARG A 269 16.46 -13.02 48.53
C ARG A 269 15.72 -11.78 49.01
N GLN A 270 15.20 -10.96 48.10
CA GLN A 270 14.60 -9.64 48.41
C GLN A 270 15.55 -8.86 49.32
N GLN A 275 6.43 -5.24 41.79
CA GLN A 275 5.26 -4.53 41.21
C GLN A 275 5.17 -4.81 39.71
N PRO A 276 4.35 -5.77 39.25
CA PRO A 276 4.35 -6.18 37.83
C PRO A 276 3.90 -5.08 36.85
N GLU A 277 3.06 -4.16 37.32
CA GLU A 277 2.52 -3.00 36.56
C GLU A 277 3.63 -2.08 36.04
N GLU A 278 4.86 -2.18 36.55
CA GLU A 278 5.97 -1.24 36.24
C GLU A 278 6.82 -1.80 35.09
N TYR A 279 6.36 -2.86 34.41
CA TYR A 279 7.16 -3.62 33.43
C TYR A 279 6.37 -3.80 32.14
N ALA A 280 7.09 -4.07 31.06
CA ALA A 280 6.53 -4.57 29.79
C ALA A 280 7.44 -5.72 29.36
N LEU A 281 6.92 -6.71 28.66
CA LEU A 281 7.70 -7.88 28.16
C LEU A 281 8.21 -7.60 26.74
N GLN A 282 9.51 -7.51 26.55
CA GLN A 282 10.15 -7.41 25.22
C GLN A 282 10.31 -8.80 24.64
N VAL A 283 10.01 -8.96 23.37
CA VAL A 283 10.43 -10.19 22.62
C VAL A 283 11.95 -10.04 22.45
N ASN A 284 12.71 -11.02 22.95
CA ASN A 284 14.18 -10.92 22.96
C ASN A 284 14.66 -10.61 21.54
N GLY A 285 15.60 -9.66 21.45
CA GLY A 285 16.25 -9.25 20.20
C GLY A 285 15.30 -8.60 19.19
N ARG A 286 14.08 -8.21 19.58
CA ARG A 286 13.15 -7.56 18.61
C ARG A 286 12.61 -6.25 19.21
N HIS A 287 12.16 -5.33 18.35
CA HIS A 287 11.44 -4.09 18.77
C HIS A 287 9.94 -4.38 18.79
N GLU A 288 9.57 -5.29 19.67
CA GLU A 288 8.21 -5.79 19.85
C GLU A 288 8.04 -6.09 21.33
N TYR A 289 6.86 -5.78 21.82
CA TYR A 289 6.53 -5.88 23.24
C TYR A 289 5.17 -6.50 23.37
N LEU A 290 5.02 -7.35 24.39
CA LEU A 290 3.76 -7.95 24.88
C LEU A 290 3.34 -7.14 26.11
N TYR A 291 2.19 -6.49 26.00
CA TYR A 291 1.61 -5.71 27.12
C TYR A 291 0.12 -5.59 26.88
N GLY A 292 -0.59 -5.14 27.90
CA GLY A 292 -2.04 -4.84 27.85
C GLY A 292 -2.91 -6.02 28.22
N ASN A 293 -4.23 -5.84 28.13
CA ASN A 293 -5.25 -6.82 28.63
C ASN A 293 -5.64 -7.75 27.50
N TYR A 294 -4.68 -8.52 27.02
CA TYR A 294 -4.90 -9.53 25.97
C TYR A 294 -4.28 -10.83 26.48
N PRO A 295 -4.95 -11.97 26.22
CA PRO A 295 -4.37 -13.27 26.56
C PRO A 295 -3.18 -13.53 25.64
N LEU A 296 -2.15 -14.19 26.17
CA LEU A 296 -0.93 -14.49 25.40
C LEU A 296 -1.27 -14.97 23.99
N CYS A 297 -2.28 -15.84 23.78
CA CYS A 297 -2.53 -16.47 22.47
C CYS A 297 -3.08 -15.47 21.45
N HIS A 298 -3.45 -14.24 21.87
CA HIS A 298 -3.90 -13.13 20.98
C HIS A 298 -2.71 -12.40 20.35
N PHE A 299 -1.49 -12.55 20.86
CA PHE A 299 -0.27 -11.85 20.34
C PHE A 299 0.30 -12.65 19.16
N GLN A 300 0.56 -11.99 18.02
CA GLN A 300 1.12 -12.65 16.79
C GLN A 300 2.37 -13.47 17.12
N TYR A 301 3.27 -12.93 17.92
CA TYR A 301 4.52 -13.62 18.28
C TYR A 301 4.20 -14.97 18.95
N ILE A 302 3.30 -14.94 19.93
CA ILE A 302 2.92 -16.17 20.69
C ILE A 302 2.25 -17.11 19.69
N CYS A 303 1.23 -16.65 18.97
CA CYS A 303 0.56 -17.45 17.89
C CYS A 303 1.62 -18.08 16.99
N SER A 304 2.60 -17.28 16.56
CA SER A 304 3.76 -17.72 15.74
C SER A 304 4.47 -18.90 16.42
N CYS A 305 4.78 -18.76 17.71
CA CYS A 305 5.51 -19.76 18.54
C CYS A 305 4.68 -21.05 18.65
N LEU A 306 3.37 -20.96 18.91
CA LEU A 306 2.48 -22.16 19.01
C LEU A 306 2.55 -22.94 17.69
N HIS A 307 2.46 -22.27 16.53
CA HIS A 307 2.35 -22.98 15.23
C HIS A 307 3.70 -23.59 14.86
N SER A 308 4.81 -22.94 15.22
CA SER A 308 6.18 -23.42 14.93
C SER A 308 6.71 -24.34 16.06
N GLY A 309 5.95 -24.50 17.14
CA GLY A 309 6.34 -25.27 18.35
C GLY A 309 7.62 -24.75 18.98
N LEU A 310 7.85 -23.43 18.95
CA LEU A 310 9.03 -22.77 19.54
C LEU A 310 8.64 -22.19 20.89
N THR A 311 9.59 -22.06 21.82
CA THR A 311 9.40 -21.47 23.17
C THR A 311 9.51 -19.95 23.06
N PRO A 312 8.45 -19.17 23.38
CA PRO A 312 8.60 -17.72 23.52
C PRO A 312 9.77 -17.39 24.44
N HIS A 313 10.61 -16.43 24.05
CA HIS A 313 11.69 -15.85 24.85
C HIS A 313 11.44 -14.35 25.04
N LEU A 314 11.18 -13.91 26.26
CA LEU A 314 10.75 -12.53 26.61
C LEU A 314 11.71 -11.96 27.64
N THR A 315 11.83 -10.64 27.67
CA THR A 315 12.67 -9.89 28.64
C THR A 315 11.81 -8.90 29.42
N MET A 316 11.88 -8.95 30.75
CA MET A 316 11.22 -7.96 31.63
C MET A 316 11.90 -6.60 31.50
N VAL A 317 11.20 -5.57 31.02
CA VAL A 317 11.78 -4.21 30.85
C VAL A 317 11.03 -3.23 31.75
N HIS A 318 11.76 -2.54 32.60
CA HIS A 318 11.18 -1.62 33.61
C HIS A 318 10.79 -0.30 32.95
N SER A 319 9.79 0.38 33.51
CA SER A 319 9.23 1.68 32.99
C SER A 319 10.37 2.70 32.81
N SER A 320 11.35 2.71 33.72
CA SER A 320 12.51 3.66 33.72
C SER A 320 13.40 3.44 32.48
N SER A 321 13.55 2.21 32.00
CA SER A 321 14.29 1.88 30.75
C SER A 321 13.53 2.40 29.52
N ILE A 322 12.20 2.26 29.51
CA ILE A 322 11.35 2.77 28.39
C ILE A 322 11.42 4.29 28.36
N LEU A 323 11.40 4.98 29.50
CA LEU A 323 11.50 6.46 29.50
C LEU A 323 12.88 6.92 29.05
N ALA A 324 13.91 6.14 29.35
CA ALA A 324 15.29 6.36 28.85
C ALA A 324 15.26 6.39 27.31
N MET A 325 14.51 5.47 26.67
CA MET A 325 14.39 5.37 25.20
C MET A 325 13.65 6.62 24.71
N ARG A 326 12.59 7.03 25.39
CA ARG A 326 11.83 8.22 24.94
C ARG A 326 12.79 9.42 24.95
N ASP A 327 13.55 9.58 26.03
CA ASP A 327 14.36 10.79 26.31
C ASP A 327 15.48 10.89 25.27
N GLU A 328 16.14 9.77 24.97
CA GLU A 328 17.28 9.75 24.02
C GLU A 328 16.79 10.01 22.59
N GLN A 329 15.49 9.88 22.30
CA GLN A 329 14.95 10.00 20.92
C GLN A 329 14.23 11.35 20.68
N SER A 330 14.59 12.40 21.42
CA SER A 330 13.89 13.72 21.42
C SER A 330 14.50 14.65 20.37
N ASN A 331 13.68 15.53 19.77
CA ASN A 331 14.02 16.49 18.68
C ASN A 331 15.09 17.51 19.15
N LEU A 356 -16.87 35.91 -8.69
CA LEU A 356 -17.81 35.29 -7.72
C LEU A 356 -19.10 34.92 -8.45
N TRP A 357 -20.25 34.90 -7.76
CA TRP A 357 -21.60 34.54 -8.30
C TRP A 357 -22.05 35.52 -9.40
N SER A 358 -21.46 36.71 -9.45
CA SER A 358 -21.86 37.86 -10.32
C SER A 358 -21.35 37.71 -11.75
N LEU A 359 -20.51 36.70 -12.02
CA LEU A 359 -19.81 36.58 -13.32
C LEU A 359 -20.55 35.59 -14.21
N GLU A 360 -21.51 36.07 -15.00
CA GLU A 360 -22.43 35.21 -15.77
C GLU A 360 -21.89 34.91 -17.17
N GLN A 361 -20.79 35.53 -17.58
CA GLN A 361 -20.27 35.36 -18.97
C GLN A 361 -19.67 33.98 -19.12
N PRO A 362 -19.72 33.38 -20.34
CA PRO A 362 -19.09 32.10 -20.60
C PRO A 362 -17.60 32.15 -20.21
N PHE A 363 -17.06 31.08 -19.62
CA PHE A 363 -15.62 30.95 -19.31
C PHE A 363 -14.92 30.81 -20.66
N SER A 364 -13.78 31.45 -20.77
CA SER A 364 -12.96 31.45 -22.00
C SER A 364 -11.50 31.67 -21.62
N ILE A 365 -10.61 31.28 -22.53
CA ILE A 365 -9.16 31.55 -22.41
C ILE A 365 -8.66 32.06 -23.77
N GLU A 366 -7.48 32.69 -23.76
CA GLU A 366 -6.65 32.86 -24.99
C GLU A 366 -5.57 31.77 -24.99
N LEU A 367 -5.62 30.90 -26.01
CA LEU A 367 -4.50 30.03 -26.44
C LEU A 367 -3.54 30.89 -27.28
N ILE A 368 -2.30 31.10 -26.80
CA ILE A 368 -1.28 32.01 -27.41
C ILE A 368 -0.36 31.25 -28.37
N GLU A 369 0.44 30.28 -27.89
CA GLU A 369 1.47 29.61 -28.74
C GLU A 369 2.06 28.38 -28.02
N GLY A 370 2.81 27.51 -28.75
CA GLY A 370 3.54 26.34 -28.21
C GLY A 370 5.03 26.31 -28.60
N ARG A 371 5.69 25.14 -28.43
CA ARG A 371 7.15 24.84 -28.64
C ARG A 371 7.46 23.34 -28.41
N LYS A 372 7.90 22.58 -29.43
CA LYS A 372 7.65 21.11 -29.50
C LYS A 372 8.05 20.49 -30.85
N VAL A 373 7.95 19.15 -30.97
CA VAL A 373 8.56 18.35 -32.07
C VAL A 373 7.57 17.27 -32.52
N ASN A 374 7.24 17.21 -33.82
CA ASN A 374 6.47 16.12 -34.44
C ASN A 374 6.51 16.22 -35.98
N ALA A 375 5.88 15.27 -36.68
CA ALA A 375 5.60 15.31 -38.14
C ALA A 375 4.61 16.45 -38.41
N MET A 379 1.73 17.09 -41.32
CA MET A 379 0.49 17.13 -40.48
C MET A 379 0.32 18.53 -39.86
N LYS A 380 -0.79 18.77 -39.14
CA LYS A 380 -1.10 20.08 -38.49
C LYS A 380 -1.31 19.84 -36.98
N LEU A 381 -1.23 20.89 -36.16
CA LEU A 381 -1.40 20.85 -34.67
C LEU A 381 -2.76 21.40 -34.24
N VAL A 382 -3.47 20.62 -33.40
CA VAL A 382 -4.81 20.89 -32.79
C VAL A 382 -4.60 20.81 -31.27
N VAL A 383 -5.04 21.82 -30.51
CA VAL A 383 -5.09 21.78 -29.02
C VAL A 383 -6.56 21.64 -28.61
N GLN A 384 -6.89 20.55 -27.93
CA GLN A 384 -8.25 20.28 -27.38
C GLN A 384 -8.24 20.69 -25.91
N ALA A 385 -9.24 21.44 -25.47
CA ALA A 385 -9.37 21.95 -24.09
C ALA A 385 -10.72 21.48 -23.54
N GLY A 386 -10.76 21.01 -22.29
CA GLY A 386 -11.99 20.54 -21.63
C GLY A 386 -12.01 21.02 -20.19
N LEU A 387 -13.20 21.28 -19.66
CA LEU A 387 -13.39 21.60 -18.22
C LEU A 387 -13.94 20.34 -17.55
N PHE A 388 -13.29 19.94 -16.45
CA PHE A 388 -13.52 18.66 -15.74
C PHE A 388 -13.71 18.94 -14.26
N HIS A 389 -14.56 18.10 -13.67
CA HIS A 389 -14.75 17.95 -12.21
C HIS A 389 -14.65 16.45 -11.96
N GLY A 390 -13.46 15.98 -11.56
CA GLY A 390 -13.10 14.56 -11.64
C GLY A 390 -13.11 14.10 -13.09
N ASN A 391 -13.80 12.98 -13.33
CA ASN A 391 -14.01 12.32 -14.65
C ASN A 391 -15.02 13.13 -15.47
N GLU A 392 -15.99 13.79 -14.84
CA GLU A 392 -17.17 14.38 -15.53
C GLU A 392 -16.80 15.71 -16.21
N MET A 393 -17.12 15.83 -17.50
CA MET A 393 -17.01 17.12 -18.24
C MET A 393 -18.03 18.09 -17.68
N LEU A 394 -17.63 19.35 -17.50
CA LEU A 394 -18.49 20.46 -16.99
C LEU A 394 -19.22 21.16 -18.16
N CYS A 395 -18.82 20.82 -19.38
CA CYS A 395 -19.36 21.32 -20.68
C CYS A 395 -18.61 20.61 -21.81
N LYS A 396 -19.02 20.78 -23.06
CA LYS A 396 -18.33 20.07 -24.17
C LYS A 396 -16.88 20.59 -24.28
N THR A 397 -16.03 19.74 -24.83
CA THR A 397 -14.63 20.07 -25.17
C THR A 397 -14.68 21.03 -26.36
N VAL A 398 -13.70 21.93 -26.45
CA VAL A 398 -13.56 22.91 -27.57
C VAL A 398 -12.16 22.69 -28.15
N SER A 399 -12.05 22.72 -29.48
CA SER A 399 -10.79 22.55 -30.26
C SER A 399 -10.28 23.91 -30.71
N SER A 400 -8.95 24.05 -30.79
CA SER A 400 -8.22 25.08 -31.55
C SER A 400 -8.47 24.89 -33.05
N SER A 401 -8.23 25.95 -33.84
CA SER A 401 -8.04 25.85 -35.31
C SER A 401 -6.77 25.03 -35.57
N GLU A 402 -6.73 24.30 -36.68
CA GLU A 402 -5.54 23.55 -37.17
C GLU A 402 -4.47 24.54 -37.67
N VAL A 403 -3.21 24.34 -37.25
CA VAL A 403 -2.03 25.14 -37.65
C VAL A 403 -0.98 24.17 -38.18
N ASN A 404 -0.08 24.59 -39.07
CA ASN A 404 0.97 23.71 -39.62
C ASN A 404 1.94 23.32 -38.49
N VAL A 405 2.41 22.07 -38.46
CA VAL A 405 3.43 21.54 -37.49
C VAL A 405 4.62 22.49 -37.38
N CYS A 406 5.08 23.03 -38.51
CA CYS A 406 5.90 24.27 -38.58
C CYS A 406 5.73 25.04 -37.26
N SER A 407 6.83 25.41 -36.60
CA SER A 407 6.87 26.14 -35.30
C SER A 407 7.09 25.13 -34.16
N GLU A 408 7.01 25.51 -32.86
CA GLU A 408 6.88 26.86 -32.28
C GLU A 408 5.52 27.50 -32.51
N PRO A 409 4.40 26.73 -32.53
CA PRO A 409 3.15 27.19 -33.14
C PRO A 409 2.54 28.42 -32.46
N VAL A 410 1.80 29.20 -33.26
CA VAL A 410 1.05 30.40 -32.77
C VAL A 410 -0.44 30.22 -33.14
N TRP A 411 -1.34 30.55 -32.20
CA TRP A 411 -2.81 30.48 -32.37
C TRP A 411 -3.42 31.87 -32.11
N LYS A 412 -2.98 32.54 -31.04
CA LYS A 412 -3.57 33.77 -30.44
C LYS A 412 -5.08 33.80 -30.71
N GLN A 413 -5.81 32.73 -30.36
CA GLN A 413 -7.28 32.63 -30.54
C GLN A 413 -7.96 32.37 -29.19
N ARG A 414 -9.07 33.08 -28.94
CA ARG A 414 -9.96 32.89 -27.76
C ARG A 414 -10.69 31.56 -27.93
N LEU A 415 -10.61 30.67 -26.93
CA LEU A 415 -11.48 29.46 -26.82
C LEU A 415 -12.55 29.74 -25.75
N GLU A 416 -13.82 29.49 -26.07
CA GLU A 416 -14.98 29.86 -25.22
C GLU A 416 -15.73 28.58 -24.84
N PHE A 417 -16.04 28.42 -23.54
CA PHE A 417 -16.65 27.17 -23.02
C PHE A 417 -18.13 27.40 -22.73
N ASP A 418 -18.97 26.40 -23.03
CA ASP A 418 -20.45 26.42 -22.83
C ASP A 418 -20.76 26.22 -21.34
N ILE A 419 -20.23 27.09 -20.48
CA ILE A 419 -20.46 27.11 -19.00
C ILE A 419 -20.15 28.50 -18.48
N SER A 420 -21.03 29.04 -17.65
CA SER A 420 -20.87 30.37 -17.03
C SER A 420 -19.74 30.31 -15.99
N VAL A 421 -19.11 31.46 -15.73
CA VAL A 421 -17.92 31.62 -14.83
C VAL A 421 -18.35 31.48 -13.37
N CYS A 422 -19.56 31.97 -13.04
CA CYS A 422 -20.22 31.83 -11.72
C CYS A 422 -20.44 30.33 -11.44
N ASP A 423 -20.47 29.48 -12.46
CA ASP A 423 -20.87 28.06 -12.28
C ASP A 423 -19.63 27.14 -12.19
N LEU A 424 -18.42 27.67 -12.28
CA LEU A 424 -17.20 26.83 -12.12
C LEU A 424 -17.15 26.35 -10.68
N PRO A 425 -17.12 25.01 -10.47
CA PRO A 425 -16.95 24.48 -9.11
C PRO A 425 -15.52 24.71 -8.62
N ARG A 426 -15.34 24.75 -7.30
CA ARG A 426 -14.05 25.02 -6.60
C ARG A 426 -12.90 24.18 -7.20
N MET A 427 -13.15 22.91 -7.49
CA MET A 427 -12.09 21.93 -7.89
C MET A 427 -12.09 21.77 -9.42
N ALA A 428 -12.55 22.78 -10.17
CA ALA A 428 -12.62 22.63 -11.64
C ALA A 428 -11.20 22.55 -12.22
N ARG A 429 -11.07 21.74 -13.26
CA ARG A 429 -9.79 21.35 -13.89
C ARG A 429 -9.89 21.72 -15.36
N LEU A 430 -9.06 22.66 -15.80
CA LEU A 430 -8.91 22.97 -17.24
C LEU A 430 -7.81 22.06 -17.75
N CYS A 431 -8.16 21.18 -18.68
CA CYS A 431 -7.30 20.11 -19.21
C CYS A 431 -7.06 20.33 -20.69
N PHE A 432 -5.79 20.19 -21.12
CA PHE A 432 -5.34 20.47 -22.52
C PHE A 432 -4.71 19.22 -23.09
N ALA A 433 -4.93 18.95 -24.36
CA ALA A 433 -4.22 17.91 -25.16
C ALA A 433 -3.76 18.54 -26.49
N LEU A 434 -2.46 18.39 -26.80
CA LEU A 434 -1.83 18.76 -28.10
C LEU A 434 -1.58 17.48 -28.90
N TYR A 435 -2.09 17.41 -30.13
CA TYR A 435 -1.95 16.22 -31.01
C TYR A 435 -1.82 16.72 -32.46
N ALA A 436 -1.56 15.80 -33.38
CA ALA A 436 -1.43 16.06 -34.83
C ALA A 436 -2.34 15.09 -35.57
N VAL A 437 -2.79 15.47 -36.76
CA VAL A 437 -3.61 14.60 -37.64
C VAL A 437 -3.43 15.06 -39.09
N VAL A 438 -3.77 14.19 -40.05
CA VAL A 438 -3.91 14.46 -41.52
C VAL A 438 -5.01 15.50 -41.75
N ASP A 455 -4.97 9.42 -35.78
CA ASP A 455 -4.61 10.39 -34.71
C ASP A 455 -3.21 10.08 -34.17
N CYS A 456 -2.50 11.11 -33.68
CA CYS A 456 -1.13 11.04 -33.13
C CYS A 456 -1.00 11.98 -31.93
N PRO A 457 -1.07 11.44 -30.68
CA PRO A 457 -0.97 12.26 -29.46
C PRO A 457 0.42 12.86 -29.27
N ILE A 458 0.53 14.03 -28.62
CA ILE A 458 1.87 14.64 -28.38
C ILE A 458 2.07 14.88 -26.89
N ALA A 459 1.26 15.73 -26.27
CA ALA A 459 1.45 16.11 -24.87
C ALA A 459 0.11 16.53 -24.26
N TRP A 460 0.06 16.50 -22.94
CA TRP A 460 -1.15 16.91 -22.18
C TRP A 460 -0.68 17.78 -21.03
N ALA A 461 -1.55 18.66 -20.53
CA ALA A 461 -1.31 19.42 -19.31
C ALA A 461 -2.66 19.83 -18.70
N ASN A 462 -2.69 19.88 -17.37
CA ASN A 462 -3.92 20.22 -16.62
C ASN A 462 -3.55 21.34 -15.67
N LEU A 463 -4.48 22.22 -15.31
CA LEU A 463 -4.29 23.11 -14.13
C LEU A 463 -5.65 23.39 -13.49
N MET A 464 -5.60 23.74 -12.21
CA MET A 464 -6.75 24.14 -11.38
C MET A 464 -7.08 25.60 -11.77
N LEU A 465 -8.36 25.94 -11.90
CA LEU A 465 -8.79 27.31 -12.29
C LEU A 465 -8.74 28.22 -11.07
N PHE A 466 -8.85 27.67 -9.86
CA PHE A 466 -8.57 28.40 -8.61
C PHE A 466 -7.23 27.92 -8.08
N ASP A 467 -6.54 28.82 -7.39
CA ASP A 467 -5.22 28.58 -6.76
C ASP A 467 -5.47 28.01 -5.37
N TYR A 468 -4.40 27.79 -4.61
CA TYR A 468 -4.45 27.09 -3.30
C TYR A 468 -5.10 28.01 -2.25
N LYS A 469 -5.21 29.32 -2.53
CA LYS A 469 -5.81 30.34 -1.63
C LYS A 469 -7.24 30.68 -2.09
N ASP A 470 -7.82 29.86 -2.97
CA ASP A 470 -9.22 29.95 -3.46
C ASP A 470 -9.40 31.18 -4.35
N GLN A 471 -8.30 31.82 -4.80
CA GLN A 471 -8.36 32.96 -5.75
C GLN A 471 -8.52 32.43 -7.18
N LEU A 472 -9.46 33.01 -7.93
CA LEU A 472 -9.65 32.66 -9.36
C LEU A 472 -8.41 33.15 -10.10
N LYS A 473 -7.94 32.34 -11.04
CA LYS A 473 -6.61 32.55 -11.64
C LYS A 473 -6.75 33.56 -12.76
N THR A 474 -5.76 34.45 -12.87
CA THR A 474 -5.39 35.23 -14.09
C THR A 474 -3.90 35.59 -14.00
N GLY A 475 -3.25 36.07 -15.07
CA GLY A 475 -3.76 36.09 -16.42
C GLY A 475 -3.04 35.06 -17.28
N GLU A 476 -1.73 35.21 -17.52
CA GLU A 476 -0.94 34.33 -18.43
C GLU A 476 -0.34 33.15 -17.64
N ARG A 477 -0.28 32.00 -18.29
CA ARG A 477 0.34 30.76 -17.74
C ARG A 477 1.14 30.09 -18.86
N CYS A 478 2.36 29.68 -18.53
CA CYS A 478 3.16 28.74 -19.37
C CYS A 478 3.02 27.32 -18.79
N LEU A 479 2.38 26.42 -19.54
CA LEU A 479 2.08 25.02 -19.14
C LEU A 479 3.15 24.10 -19.73
N TYR A 480 4.10 23.65 -18.91
CA TYR A 480 5.12 22.69 -19.38
C TYR A 480 4.49 21.30 -19.43
N MET A 481 4.29 20.76 -20.63
CA MET A 481 3.40 19.61 -20.86
C MET A 481 4.12 18.29 -20.62
N TRP A 482 3.35 17.23 -20.40
CA TRP A 482 3.80 15.83 -20.22
C TRP A 482 3.65 15.12 -21.55
N PRO A 483 4.59 14.24 -21.93
CA PRO A 483 4.43 13.44 -23.14
C PRO A 483 3.27 12.46 -22.97
N SER A 484 2.56 12.14 -24.06
CA SER A 484 1.35 11.29 -24.09
C SER A 484 1.72 9.82 -24.37
N VAL A 485 0.71 8.93 -24.44
CA VAL A 485 0.86 7.47 -24.73
C VAL A 485 1.44 7.31 -26.13
N LEU A 492 -7.71 11.50 -25.51
CA LEU A 492 -6.46 12.31 -25.51
C LEU A 492 -6.40 13.15 -24.25
N LEU A 493 -7.54 13.74 -23.82
CA LEU A 493 -7.63 14.49 -22.54
C LEU A 493 -7.39 13.54 -21.37
N ASN A 494 -6.67 14.01 -20.35
CA ASN A 494 -6.20 13.21 -19.19
C ASN A 494 -6.54 13.94 -17.89
N PRO A 495 -7.84 14.00 -17.49
CA PRO A 495 -8.25 14.80 -16.33
C PRO A 495 -7.63 14.33 -15.01
N ALA A 496 -7.34 13.03 -14.93
CA ALA A 496 -6.79 12.39 -13.71
C ALA A 496 -5.28 12.66 -13.63
N GLY A 497 -4.67 13.14 -14.71
CA GLY A 497 -3.26 13.58 -14.72
C GLY A 497 -2.99 14.71 -13.75
N THR A 498 -1.73 14.82 -13.32
CA THR A 498 -1.25 15.81 -12.32
C THR A 498 -1.51 17.24 -12.82
N VAL A 499 -1.80 18.16 -11.93
CA VAL A 499 -2.13 19.58 -12.28
C VAL A 499 -0.90 20.43 -11.98
N ARG A 500 0.26 19.79 -11.84
CA ARG A 500 1.56 20.48 -11.76
C ARG A 500 2.33 20.24 -13.05
N GLY A 501 3.13 21.23 -13.43
CA GLY A 501 3.81 21.25 -14.73
C GLY A 501 4.98 20.29 -14.73
N ASN A 502 5.30 19.78 -15.91
CA ASN A 502 6.49 18.94 -16.18
C ASN A 502 7.73 19.69 -15.69
N PRO A 503 8.50 19.16 -14.72
CA PRO A 503 9.70 19.84 -14.22
C PRO A 503 10.86 19.85 -15.23
N ASN A 504 10.81 19.01 -16.28
CA ASN A 504 11.89 18.94 -17.31
C ASN A 504 11.65 20.02 -18.36
N THR A 505 11.84 21.26 -17.98
CA THR A 505 11.53 22.46 -18.81
C THR A 505 12.44 22.52 -20.03
N GLU A 506 13.64 21.93 -19.99
CA GLU A 506 14.60 21.97 -21.13
C GLU A 506 13.97 21.31 -22.37
N SER A 507 13.34 20.15 -22.21
CA SER A 507 12.84 19.30 -23.33
C SER A 507 11.31 19.23 -23.38
N ALA A 508 10.58 19.77 -22.38
CA ALA A 508 9.10 19.72 -22.37
C ALA A 508 8.58 20.74 -23.38
N ALA A 509 7.65 20.29 -24.24
CA ALA A 509 6.74 21.17 -24.99
C ALA A 509 6.00 22.04 -23.97
N ALA A 510 5.83 23.33 -24.29
CA ALA A 510 5.08 24.26 -23.42
C ALA A 510 3.90 24.84 -24.20
N LEU A 511 2.81 25.14 -23.51
CA LEU A 511 1.66 25.88 -24.09
C LEU A 511 1.52 27.14 -23.26
N VAL A 512 1.39 28.29 -23.92
CA VAL A 512 1.17 29.57 -23.20
C VAL A 512 -0.30 29.92 -23.44
N ILE A 513 -0.96 30.40 -22.39
CA ILE A 513 -2.43 30.64 -22.39
C ILE A 513 -2.67 31.92 -21.59
N TYR A 514 -3.83 32.55 -21.79
CA TYR A 514 -4.18 33.78 -21.05
C TYR A 514 -5.55 33.58 -20.39
N LEU A 515 -5.59 33.57 -19.05
CA LEU A 515 -6.86 33.54 -18.28
C LEU A 515 -7.35 34.98 -18.16
N PRO A 516 -8.55 35.33 -18.68
CA PRO A 516 -8.93 36.74 -18.80
C PRO A 516 -9.12 37.33 -17.40
N GLU A 517 -8.61 38.54 -17.16
CA GLU A 517 -8.84 39.32 -15.91
C GLU A 517 -10.29 39.79 -15.91
N VAL A 518 -11.17 39.01 -15.26
CA VAL A 518 -12.62 39.31 -15.11
C VAL A 518 -12.83 40.35 -13.99
N ALA A 519 -11.77 40.95 -13.42
CA ALA A 519 -11.78 41.86 -12.24
C ALA A 519 -11.93 43.33 -12.65
N PRO A 522 -9.89 40.89 -8.30
CA PRO A 522 -9.47 39.60 -7.70
C PRO A 522 -10.67 38.88 -7.07
N VAL A 523 -11.03 37.70 -7.58
CA VAL A 523 -12.26 36.95 -7.16
C VAL A 523 -11.85 35.65 -6.45
N TYR A 524 -12.45 35.38 -5.28
CA TYR A 524 -12.26 34.15 -4.48
C TYR A 524 -13.52 33.28 -4.62
N PHE A 525 -13.38 31.96 -4.52
CA PHE A 525 -14.54 31.06 -4.37
C PHE A 525 -15.19 31.48 -3.05
N PRO A 526 -16.53 31.62 -3.00
CA PRO A 526 -17.18 32.12 -1.79
C PRO A 526 -16.94 31.19 -0.57
N ALA A 527 -16.88 31.79 0.62
CA ALA A 527 -16.65 31.07 1.89
C ALA A 527 -17.82 30.11 2.15
N LEU A 528 -17.58 29.14 3.04
CA LEU A 528 -18.60 28.13 3.41
C LEU A 528 -19.89 28.84 3.87
N GLU A 529 -19.78 29.80 4.81
CA GLU A 529 -20.93 30.59 5.39
C GLU A 529 -21.84 31.08 4.25
N LYS A 530 -21.26 31.63 3.18
CA LYS A 530 -22.00 32.16 2.01
C LYS A 530 -22.63 30.97 1.29
N ILE A 531 -21.87 29.89 1.13
CA ILE A 531 -22.35 28.68 0.42
C ILE A 531 -23.54 28.12 1.20
N LEU A 532 -23.43 28.04 2.54
CA LEU A 532 -24.50 27.48 3.41
C LEU A 532 -25.74 28.38 3.34
N GLU A 533 -25.53 29.71 3.37
CA GLU A 533 -26.59 30.76 3.31
C GLU A 533 -27.44 30.60 2.04
N LEU A 534 -26.82 30.36 0.89
CA LEU A 534 -27.50 30.15 -0.42
C LEU A 534 -28.28 28.83 -0.43
N ILE A 543 -27.92 27.88 0.42
CA ILE A 543 -28.43 26.49 0.29
C ILE A 543 -29.57 26.21 1.25
N THR A 544 -29.49 26.72 2.49
CA THR A 544 -30.53 26.52 3.53
C THR A 544 -31.88 26.48 2.80
N GLU A 545 -32.06 27.31 1.77
CA GLU A 545 -33.22 27.28 0.83
C GLU A 545 -32.80 26.54 -0.43
N GLU A 546 -40.98 6.31 -0.97
CA GLU A 546 -41.27 5.72 -2.30
C GLU A 546 -40.43 4.46 -2.49
N GLU A 547 -41.04 3.41 -3.02
CA GLU A 547 -40.42 2.07 -3.23
C GLU A 547 -39.38 2.17 -4.35
N LEU A 551 -39.65 2.99 -5.37
CA LEU A 551 -38.75 3.25 -6.53
C LEU A 551 -37.40 3.78 -6.03
N ARG A 552 -37.42 4.79 -5.17
CA ARG A 552 -36.25 5.42 -4.50
C ARG A 552 -35.36 4.37 -3.81
N GLU A 553 -35.95 3.41 -3.09
CA GLU A 553 -35.20 2.28 -2.48
C GLU A 553 -34.62 1.34 -3.55
N ILE A 554 -35.36 0.96 -4.60
CA ILE A 554 -35.07 -0.23 -5.49
C ILE A 554 -33.93 0.05 -6.48
N LEU A 555 -33.64 1.32 -6.75
CA LEU A 555 -32.48 1.75 -7.60
C LEU A 555 -31.26 1.95 -6.69
N GLU A 556 -31.49 2.19 -5.41
CA GLU A 556 -30.46 2.55 -4.40
C GLU A 556 -29.94 1.28 -3.71
N ARG A 557 -29.38 0.33 -4.49
CA ARG A 557 -28.58 -0.83 -4.00
C ARG A 557 -28.10 -1.69 -5.19
N GLU A 562 -24.71 3.62 -12.42
CA GLU A 562 -25.23 3.80 -13.80
C GLU A 562 -26.77 3.79 -13.77
N LEU A 563 -27.41 4.96 -13.81
CA LEU A 563 -28.88 5.09 -13.64
C LEU A 563 -29.45 6.14 -14.60
N TYR A 564 -30.61 5.81 -15.18
CA TYR A 564 -31.35 6.62 -16.18
C TYR A 564 -31.63 8.00 -15.60
N GLU A 565 -31.97 8.94 -16.46
CA GLU A 565 -32.13 10.37 -16.15
C GLU A 565 -33.30 10.56 -15.17
N HIS A 566 -34.40 9.84 -15.37
CA HIS A 566 -35.59 9.91 -14.48
C HIS A 566 -35.20 9.43 -13.07
N GLU A 567 -34.42 8.35 -12.98
CA GLU A 567 -33.86 7.81 -11.70
C GLU A 567 -32.97 8.90 -11.08
N LYS A 568 -32.12 9.57 -11.85
CA LYS A 568 -31.19 10.60 -11.31
C LYS A 568 -31.99 11.76 -10.73
N ASP A 569 -33.03 12.21 -11.44
CA ASP A 569 -33.89 13.34 -11.00
C ASP A 569 -34.65 12.95 -9.73
N LEU A 570 -35.14 11.70 -9.64
CA LEU A 570 -35.82 11.14 -8.43
C LEU A 570 -34.91 11.35 -7.22
N VAL A 571 -33.66 10.87 -7.30
CA VAL A 571 -32.67 10.95 -6.19
C VAL A 571 -32.42 12.41 -5.81
N TRP A 572 -32.23 13.30 -6.79
CA TRP A 572 -31.93 14.72 -6.49
C TRP A 572 -33.14 15.35 -5.78
N LYS A 573 -34.34 15.11 -6.31
CA LYS A 573 -35.63 15.66 -5.77
C LYS A 573 -35.72 15.28 -4.29
N MET A 574 -35.40 14.01 -3.98
CA MET A 574 -35.55 13.42 -2.62
C MET A 574 -34.22 13.44 -1.84
N ARG A 575 -33.37 14.46 -2.03
CA ARG A 575 -32.01 14.51 -1.43
C ARG A 575 -32.15 14.58 0.09
N HIS A 576 -33.19 15.26 0.58
CA HIS A 576 -33.46 15.39 2.03
C HIS A 576 -33.69 13.99 2.62
N GLU A 577 -34.43 13.15 1.88
CA GLU A 577 -34.78 11.80 2.34
C GLU A 577 -33.51 10.96 2.33
N VAL A 578 -32.62 11.18 1.34
CA VAL A 578 -31.33 10.44 1.29
C VAL A 578 -30.56 10.72 2.58
N GLN A 579 -30.41 11.98 2.97
CA GLN A 579 -29.64 12.38 4.16
C GLN A 579 -30.29 11.81 5.43
N GLU A 580 -31.61 11.94 5.58
CA GLU A 580 -32.31 11.57 6.83
C GLU A 580 -32.40 10.05 6.95
N HIS A 581 -32.74 9.32 5.88
CA HIS A 581 -33.11 7.88 5.91
C HIS A 581 -32.07 6.97 5.23
N PHE A 582 -31.19 7.50 4.36
CA PHE A 582 -30.20 6.69 3.59
C PHE A 582 -28.84 7.35 3.58
N PRO A 583 -28.25 7.67 4.75
CA PRO A 583 -27.00 8.43 4.78
C PRO A 583 -25.87 7.67 4.04
N GLU A 584 -25.91 6.34 3.96
CA GLU A 584 -24.82 5.56 3.31
C GLU A 584 -24.92 5.61 1.78
N ALA A 585 -25.92 6.28 1.19
CA ALA A 585 -26.07 6.42 -0.28
C ALA A 585 -25.56 7.79 -0.74
N LEU A 586 -24.89 8.53 0.13
CA LEU A 586 -24.24 9.85 -0.16
C LEU A 586 -23.52 9.78 -1.50
N ALA A 587 -22.61 8.80 -1.70
CA ALA A 587 -21.92 8.59 -3.00
C ALA A 587 -22.89 8.73 -4.18
N ARG A 588 -24.01 8.03 -4.16
CA ARG A 588 -24.97 7.98 -5.29
C ARG A 588 -25.56 9.39 -5.49
N LEU A 589 -25.81 10.12 -4.41
CA LEU A 589 -26.42 11.46 -4.46
C LEU A 589 -25.38 12.40 -5.05
N LEU A 590 -24.16 12.38 -4.49
CA LEU A 590 -22.99 13.13 -5.06
C LEU A 590 -22.85 12.93 -6.57
N LEU A 591 -23.00 11.73 -7.14
CA LEU A 591 -22.82 11.47 -8.60
C LEU A 591 -24.01 11.97 -9.43
N VAL A 592 -25.21 12.14 -8.85
CA VAL A 592 -26.38 12.68 -9.61
C VAL A 592 -26.39 14.21 -9.51
N THR A 593 -25.61 14.83 -8.61
CA THR A 593 -25.63 16.30 -8.44
C THR A 593 -24.93 16.95 -9.64
N LYS A 594 -25.53 18.01 -10.17
CA LYS A 594 -25.00 18.76 -11.35
C LYS A 594 -23.89 19.68 -10.84
N TRP A 595 -22.60 19.29 -10.95
CA TRP A 595 -21.48 20.11 -10.41
C TRP A 595 -21.24 21.37 -11.29
N ASN A 596 -21.90 21.46 -12.46
CA ASN A 596 -21.81 22.63 -13.40
C ASN A 596 -22.93 23.65 -13.11
N LYS A 597 -23.66 23.51 -12.01
CA LYS A 597 -24.73 24.47 -11.63
C LYS A 597 -24.49 24.86 -10.17
N HIS A 598 -24.02 26.09 -9.93
CA HIS A 598 -23.55 26.49 -8.57
C HIS A 598 -24.68 26.39 -7.54
N GLU A 599 -25.93 26.68 -7.93
CA GLU A 599 -27.12 26.52 -7.06
C GLU A 599 -27.17 25.05 -6.57
N ASP A 600 -27.12 24.10 -7.49
CA ASP A 600 -27.16 22.64 -7.18
C ASP A 600 -26.02 22.25 -6.22
N VAL A 601 -24.79 22.67 -6.52
CA VAL A 601 -23.59 22.38 -5.67
C VAL A 601 -23.87 22.93 -4.28
N ALA A 602 -24.40 24.15 -4.21
CA ALA A 602 -24.71 24.76 -2.90
C ALA A 602 -25.80 23.91 -2.20
N GLN A 603 -26.82 23.44 -2.91
CA GLN A 603 -27.88 22.58 -2.30
C GLN A 603 -27.24 21.30 -1.71
N MET A 604 -26.16 20.82 -2.33
CA MET A 604 -25.48 19.54 -1.94
C MET A 604 -24.62 19.76 -0.70
N LEU A 605 -23.81 20.84 -0.66
CA LEU A 605 -22.89 21.16 0.45
C LEU A 605 -23.68 21.49 1.72
N TYR A 606 -24.88 22.07 1.65
CA TYR A 606 -25.72 22.30 2.86
C TYR A 606 -26.05 20.97 3.55
N LEU A 607 -26.52 19.99 2.79
CA LEU A 607 -26.75 18.61 3.30
C LEU A 607 -25.41 18.02 3.78
N LEU A 608 -24.36 18.10 2.96
CA LEU A 608 -23.05 17.48 3.29
C LEU A 608 -22.58 17.94 4.66
N CYS A 609 -22.71 19.22 5.01
CA CYS A 609 -22.10 19.76 6.26
C CYS A 609 -22.89 19.34 7.51
N SER A 610 -24.10 18.77 7.37
CA SER A 610 -24.86 18.16 8.49
CA SER A 610 -24.84 18.15 8.50
C SER A 610 -25.00 16.64 8.29
N TRP A 611 -24.24 16.05 7.36
CA TRP A 611 -24.37 14.60 7.03
C TRP A 611 -23.72 13.81 8.16
N PRO A 612 -24.31 12.69 8.62
CA PRO A 612 -23.68 11.92 9.69
C PRO A 612 -22.39 11.30 9.11
N GLU A 613 -21.40 11.10 9.95
CA GLU A 613 -20.19 10.27 9.61
C GLU A 613 -20.67 8.92 9.08
N LEU A 614 -19.86 8.34 8.18
CA LEU A 614 -20.20 7.08 7.51
C LEU A 614 -19.15 6.03 7.89
N PRO A 615 -19.44 4.74 7.71
CA PRO A 615 -18.43 3.71 7.96
C PRO A 615 -17.18 3.86 7.08
N VAL A 616 -16.06 3.33 7.58
CA VAL A 616 -14.75 3.36 6.85
C VAL A 616 -14.93 2.90 5.41
N LEU A 617 -15.69 1.83 5.16
CA LEU A 617 -15.83 1.27 3.81
C LEU A 617 -16.39 2.36 2.88
N SER A 618 -17.40 3.10 3.36
CA SER A 618 -18.07 4.22 2.65
C SER A 618 -17.07 5.33 2.30
N ALA A 619 -16.25 5.68 3.26
CA ALA A 619 -15.29 6.79 3.19
C ALA A 619 -14.20 6.44 2.16
N LEU A 620 -13.76 5.19 2.11
CA LEU A 620 -12.78 4.76 1.09
C LEU A 620 -13.33 4.98 -0.32
N GLU A 621 -14.63 4.73 -0.53
CA GLU A 621 -15.25 4.96 -1.86
C GLU A 621 -15.16 6.47 -2.15
N LEU A 622 -15.40 7.31 -1.15
CA LEU A 622 -15.42 8.80 -1.32
C LEU A 622 -14.02 9.40 -1.54
N LEU A 623 -12.93 8.64 -1.31
CA LEU A 623 -11.59 9.13 -1.74
C LEU A 623 -11.34 8.96 -3.24
N ASP A 624 -12.16 8.26 -3.98
CA ASP A 624 -11.93 8.00 -5.43
C ASP A 624 -12.00 9.33 -6.22
N PHE A 625 -11.32 9.38 -7.37
CA PHE A 625 -11.24 10.59 -8.23
C PHE A 625 -12.65 11.04 -8.67
N SER A 626 -13.62 10.12 -8.71
CA SER A 626 -15.04 10.40 -9.07
C SER A 626 -15.65 11.42 -8.12
N PHE A 627 -15.03 11.70 -6.96
CA PHE A 627 -15.52 12.61 -5.91
C PHE A 627 -14.50 13.70 -5.68
N PRO A 628 -14.30 14.57 -6.69
CA PRO A 628 -13.23 15.57 -6.64
C PRO A 628 -13.45 16.77 -5.74
N ASP A 629 -14.67 17.05 -5.28
CA ASP A 629 -14.92 18.27 -4.44
C ASP A 629 -14.14 18.23 -3.12
N CYS A 630 -13.64 19.39 -2.69
CA CYS A 630 -12.80 19.53 -1.48
C CYS A 630 -13.61 19.29 -0.21
N TYR A 631 -14.88 19.70 -0.15
CA TYR A 631 -15.72 19.44 1.05
C TYR A 631 -15.96 17.92 1.18
N VAL A 632 -16.18 17.25 0.06
CA VAL A 632 -16.39 15.78 0.02
C VAL A 632 -15.11 15.09 0.49
N GLY A 633 -13.95 15.56 0.02
CA GLY A 633 -12.63 15.06 0.48
C GLY A 633 -12.44 15.23 1.97
N SER A 634 -12.74 16.41 2.51
CA SER A 634 -12.65 16.66 3.96
C SER A 634 -13.63 15.77 4.75
N PHE A 635 -14.84 15.54 4.25
CA PHE A 635 -15.87 14.65 4.88
C PHE A 635 -15.33 13.20 4.90
N ALA A 636 -14.77 12.78 3.78
CA ALA A 636 -14.22 11.41 3.61
C ALA A 636 -13.12 11.20 4.66
N ILE A 637 -12.21 12.15 4.86
CA ILE A 637 -11.13 12.03 5.90
C ILE A 637 -11.73 12.01 7.32
N LYS A 638 -12.75 12.84 7.58
CA LYS A 638 -13.38 12.88 8.92
C LYS A 638 -13.95 11.49 9.26
N SER A 639 -14.57 10.83 8.30
CA SER A 639 -15.17 9.48 8.49
C SER A 639 -14.04 8.44 8.57
N LEU A 640 -12.85 8.76 8.04
CA LEU A 640 -11.67 7.84 8.11
C LEU A 640 -10.88 7.99 9.41
N ARG A 641 -11.15 8.97 10.26
CA ARG A 641 -10.39 9.15 11.53
C ARG A 641 -10.56 7.92 12.44
N LYS A 642 -11.63 7.16 12.29
CA LYS A 642 -11.86 5.98 13.18
C LYS A 642 -11.14 4.73 12.67
N LEU A 643 -10.52 4.75 11.48
CA LEU A 643 -9.55 3.68 11.05
C LEU A 643 -8.62 3.35 12.22
N THR A 644 -8.48 2.07 12.55
CA THR A 644 -7.46 1.63 13.53
C THR A 644 -6.09 1.78 12.85
N ASP A 645 -5.02 1.82 13.63
CA ASP A 645 -3.63 1.73 13.09
C ASP A 645 -3.50 0.47 12.21
N ASP A 646 -4.14 -0.66 12.56
CA ASP A 646 -3.98 -1.91 11.77
C ASP A 646 -4.65 -1.75 10.41
N GLU A 647 -5.84 -1.15 10.40
CA GLU A 647 -6.58 -0.90 9.14
C GLU A 647 -5.76 0.07 8.28
N LEU A 648 -5.24 1.11 8.90
CA LEU A 648 -4.49 2.14 8.17
C LEU A 648 -3.27 1.49 7.51
N PHE A 649 -2.52 0.67 8.23
CA PHE A 649 -1.39 -0.10 7.67
C PHE A 649 -1.88 -0.94 6.49
N GLN A 650 -3.04 -1.56 6.63
CA GLN A 650 -3.54 -2.51 5.60
C GLN A 650 -3.86 -1.72 4.30
N TYR A 651 -4.30 -0.48 4.44
CA TYR A 651 -4.77 0.32 3.27
C TYR A 651 -3.74 1.39 2.87
N LEU A 652 -2.56 1.43 3.49
CA LEU A 652 -1.62 2.55 3.36
C LEU A 652 -1.16 2.69 1.91
N LEU A 653 -0.90 1.59 1.18
CA LEU A 653 -0.47 1.60 -0.24
C LEU A 653 -1.46 2.43 -1.05
N GLN A 654 -2.75 2.18 -0.86
CA GLN A 654 -3.81 2.87 -1.64
C GLN A 654 -3.93 4.34 -1.20
N LEU A 655 -3.82 4.62 0.09
CA LEU A 655 -3.93 6.03 0.58
C LEU A 655 -2.75 6.86 0.07
N VAL A 656 -1.55 6.28 -0.06
CA VAL A 656 -0.42 7.04 -0.67
C VAL A 656 -0.73 7.29 -2.14
N GLN A 657 -1.23 6.29 -2.85
CA GLN A 657 -1.47 6.38 -4.30
C GLN A 657 -2.55 7.43 -4.59
N VAL A 658 -3.50 7.65 -3.66
CA VAL A 658 -4.59 8.66 -3.77
C VAL A 658 -3.98 10.07 -3.81
N LEU A 659 -2.83 10.28 -3.15
CA LEU A 659 -2.13 11.58 -3.17
C LEU A 659 -1.82 12.01 -4.61
N LYS A 660 -1.72 11.10 -5.57
CA LYS A 660 -1.45 11.40 -7.00
C LYS A 660 -2.63 12.11 -7.67
N TYR A 661 -3.84 11.96 -7.14
CA TYR A 661 -5.11 12.63 -7.61
C TYR A 661 -5.30 14.00 -6.96
N GLU A 662 -4.54 14.34 -5.92
CA GLU A 662 -4.78 15.53 -5.08
C GLU A 662 -4.49 16.77 -5.94
N SER A 663 -5.22 17.86 -5.71
CA SER A 663 -5.13 19.09 -6.52
C SER A 663 -4.05 20.03 -5.99
N TYR A 664 -3.92 20.16 -4.66
CA TYR A 664 -3.03 21.10 -3.95
C TYR A 664 -2.09 20.30 -3.02
N LEU A 665 -1.05 20.95 -2.52
CA LEU A 665 -0.03 20.32 -1.62
C LEU A 665 -0.57 20.20 -0.20
N ASP A 666 -1.12 21.28 0.35
CA ASP A 666 -1.74 21.30 1.71
C ASP A 666 -3.13 20.68 1.50
N CYS A 667 -3.36 19.49 2.02
CA CYS A 667 -4.64 18.76 1.84
C CYS A 667 -4.92 17.87 3.06
N GLU A 668 -6.20 17.55 3.28
CA GLU A 668 -6.63 16.87 4.52
C GLU A 668 -5.96 15.48 4.55
N LEU A 669 -5.74 14.88 3.39
CA LEU A 669 -5.18 13.49 3.32
C LEU A 669 -3.73 13.55 3.79
N THR A 670 -2.96 14.52 3.34
CA THR A 670 -1.56 14.65 3.78
C THR A 670 -1.49 14.92 5.28
N LYS A 671 -2.32 15.83 5.82
CA LYS A 671 -2.30 16.14 7.25
C LYS A 671 -2.67 14.87 8.05
N PHE A 672 -3.61 14.11 7.50
CA PHE A 672 -4.11 12.88 8.15
C PHE A 672 -2.97 11.85 8.21
N LEU A 673 -2.35 11.58 7.07
CA LEU A 673 -1.22 10.59 7.01
C LEU A 673 -0.06 11.05 7.90
N LEU A 674 0.40 12.32 7.81
CA LEU A 674 1.49 12.82 8.66
C LEU A 674 1.12 12.66 10.14
N GLY A 675 -0.11 13.02 10.56
CA GLY A 675 -0.57 12.91 11.96
C GLY A 675 -0.48 11.46 12.45
N ARG A 676 -0.99 10.55 11.63
CA ARG A 676 -1.08 9.10 11.96
C ARG A 676 0.38 8.59 12.02
N ALA A 677 1.23 9.07 11.15
CA ALA A 677 2.66 8.63 11.06
C ALA A 677 3.43 9.10 12.30
N LEU A 678 3.13 10.30 12.79
CA LEU A 678 3.82 10.87 13.94
C LEU A 678 3.31 10.29 15.25
N ALA A 679 2.13 9.65 15.25
CA ALA A 679 1.50 9.04 16.43
C ALA A 679 1.86 7.54 16.53
N ASN A 680 2.40 6.95 15.47
CA ASN A 680 2.69 5.48 15.40
C ASN A 680 3.92 5.26 14.53
N ARG A 681 5.01 4.83 15.14
CA ARG A 681 6.36 4.75 14.52
C ARG A 681 6.32 3.72 13.37
N LYS A 682 5.44 2.73 13.48
CA LYS A 682 5.37 1.70 12.41
C LYS A 682 4.69 2.31 11.19
N ILE A 683 3.64 3.13 11.38
CA ILE A 683 2.97 3.85 10.27
C ILE A 683 3.96 4.82 9.65
N GLY A 684 4.74 5.50 10.49
CA GLY A 684 5.77 6.45 10.03
C GLY A 684 6.80 5.77 9.17
N HIS A 685 7.27 4.59 9.60
CA HIS A 685 8.24 3.78 8.84
C HIS A 685 7.70 3.44 7.45
N PHE A 686 6.51 2.84 7.33
CA PHE A 686 5.96 2.43 6.01
C PHE A 686 5.50 3.61 5.15
N LEU A 687 5.02 4.69 5.76
CA LEU A 687 4.69 5.91 4.99
C LEU A 687 5.98 6.44 4.34
N PHE A 688 7.06 6.51 5.10
CA PHE A 688 8.39 6.95 4.60
C PHE A 688 8.73 6.14 3.36
N TRP A 689 8.72 4.80 3.42
CA TRP A 689 9.20 3.98 2.29
C TRP A 689 8.24 4.06 1.09
N HIS A 690 6.91 4.13 1.29
CA HIS A 690 5.98 4.27 0.16
C HIS A 690 6.36 5.56 -0.60
N LEU A 691 6.66 6.61 0.13
CA LEU A 691 6.96 7.92 -0.51
C LEU A 691 8.36 7.88 -1.16
N ARG A 692 9.35 7.37 -0.42
CA ARG A 692 10.76 7.33 -0.84
C ARG A 692 10.93 6.50 -2.09
N SER A 693 10.12 5.45 -2.24
CA SER A 693 10.22 4.47 -3.33
C SER A 693 9.68 5.05 -4.64
N GLU A 694 9.06 6.23 -4.60
CA GLU A 694 8.62 6.91 -5.85
C GLU A 694 9.32 8.25 -6.09
N MET A 695 10.45 8.53 -5.45
CA MET A 695 11.13 9.84 -5.65
C MET A 695 11.74 9.96 -7.05
N HIS A 696 11.89 8.86 -7.78
CA HIS A 696 12.40 8.81 -9.17
C HIS A 696 11.30 9.15 -10.16
N VAL A 697 10.07 9.42 -9.71
CA VAL A 697 8.91 9.68 -10.60
C VAL A 697 8.69 11.19 -10.58
N PRO A 698 9.08 11.93 -11.64
CA PRO A 698 9.04 13.39 -11.59
C PRO A 698 7.68 13.99 -11.18
N SER A 699 6.57 13.35 -11.56
CA SER A 699 5.19 13.85 -11.32
C SER A 699 4.91 13.89 -9.82
N VAL A 700 5.61 13.10 -8.97
CA VAL A 700 5.31 13.10 -7.52
C VAL A 700 6.52 13.51 -6.67
N ALA A 701 7.72 13.65 -7.26
CA ALA A 701 8.97 13.88 -6.48
C ALA A 701 8.83 15.12 -5.61
N LEU A 702 8.21 16.19 -6.11
CA LEU A 702 8.04 17.39 -5.25
C LEU A 702 7.07 17.09 -4.09
N ARG A 703 5.89 16.56 -4.38
CA ARG A 703 4.86 16.30 -3.34
C ARG A 703 5.45 15.37 -2.27
N PHE A 704 6.03 14.27 -2.69
CA PHE A 704 6.52 13.18 -1.77
C PHE A 704 7.76 13.67 -1.02
N GLY A 705 8.65 14.41 -1.69
CA GLY A 705 9.79 15.07 -1.04
C GLY A 705 9.33 15.96 0.09
N LEU A 706 8.32 16.79 -0.16
CA LEU A 706 7.90 17.75 0.91
C LEU A 706 7.28 17.02 2.09
N ILE A 707 6.49 15.96 1.82
CA ILE A 707 5.86 15.17 2.91
C ILE A 707 7.00 14.57 3.74
N MET A 708 7.98 13.96 3.09
CA MET A 708 9.06 13.28 3.83
C MET A 708 9.83 14.29 4.65
N GLU A 709 10.15 15.46 4.06
CA GLU A 709 10.84 16.54 4.81
C GLU A 709 10.05 16.83 6.10
N ALA A 710 8.74 16.97 6.01
CA ALA A 710 7.90 17.40 7.13
C ALA A 710 7.96 16.31 8.19
N TYR A 711 7.80 15.06 7.75
CA TYR A 711 7.88 13.91 8.69
C TYR A 711 9.18 14.01 9.49
N CYS A 712 10.30 14.20 8.80
CA CYS A 712 11.64 14.30 9.38
C CYS A 712 11.71 15.44 10.42
N ARG A 713 11.03 16.54 10.19
CA ARG A 713 10.88 17.62 11.21
C ARG A 713 10.23 17.07 12.48
N GLY A 714 9.25 16.18 12.30
CA GLY A 714 8.53 15.51 13.39
C GLY A 714 9.38 14.48 14.15
N SER A 715 10.42 13.91 13.55
CA SER A 715 11.26 12.87 14.26
C SER A 715 12.66 12.85 13.71
N THR A 716 13.52 13.66 14.31
CA THR A 716 14.98 13.65 14.05
C THR A 716 15.55 12.27 14.31
N HIS A 717 15.11 11.61 15.38
CA HIS A 717 15.68 10.29 15.72
C HIS A 717 15.30 9.30 14.61
N HIS A 718 14.03 9.22 14.25
CA HIS A 718 13.57 8.25 13.22
C HIS A 718 14.25 8.56 11.89
N MET A 719 14.51 9.83 11.57
CA MET A 719 15.25 10.19 10.35
C MET A 719 16.62 9.47 10.36
N LYS A 720 17.33 9.45 11.48
CA LYS A 720 18.70 8.88 11.56
C LYS A 720 18.59 7.34 11.44
N VAL A 721 17.51 6.78 11.94
CA VAL A 721 17.25 5.30 11.81
C VAL A 721 17.00 4.97 10.34
N LEU A 722 16.22 5.80 9.66
CA LEU A 722 15.90 5.59 8.25
C LEU A 722 17.16 5.81 7.39
N MET A 723 18.02 6.77 7.77
CA MET A 723 19.30 7.01 7.04
C MET A 723 20.14 5.73 7.07
N LYS A 724 20.19 5.05 8.21
CA LYS A 724 20.98 3.80 8.32
C LYS A 724 20.45 2.77 7.30
N GLN A 725 19.14 2.66 7.16
CA GLN A 725 18.52 1.74 6.19
C GLN A 725 18.93 2.15 4.76
N GLY A 726 18.87 3.44 4.45
CA GLY A 726 19.27 3.94 3.11
C GLY A 726 20.73 3.63 2.81
N GLU A 727 21.61 3.73 3.81
CA GLU A 727 23.07 3.45 3.65
C GLU A 727 23.25 1.97 3.30
N ALA A 728 22.43 1.10 3.89
CA ALA A 728 22.50 -0.35 3.63
C ALA A 728 22.00 -0.58 2.20
N LEU A 729 20.92 0.06 1.79
CA LEU A 729 20.33 -0.15 0.44
C LEU A 729 21.30 0.38 -0.62
N SER A 730 22.04 1.47 -0.37
CA SER A 730 23.08 1.98 -1.30
C SER A 730 24.18 0.95 -1.50
N LYS A 731 24.62 0.29 -0.43
CA LYS A 731 25.66 -0.77 -0.52
C LYS A 731 25.10 -1.99 -1.29
N LEU A 732 23.85 -2.37 -1.05
CA LEU A 732 23.26 -3.53 -1.75
C LEU A 732 23.14 -3.25 -3.26
N LYS A 733 22.79 -2.02 -3.66
CA LYS A 733 22.75 -1.64 -5.10
C LYS A 733 24.14 -1.82 -5.69
N ALA A 734 25.18 -1.29 -5.03
CA ALA A 734 26.55 -1.42 -5.56
C ALA A 734 26.97 -2.89 -5.65
N LEU A 735 26.70 -3.66 -4.61
CA LEU A 735 27.05 -5.08 -4.58
C LEU A 735 26.28 -5.81 -5.68
N ASN A 736 24.99 -5.52 -5.81
CA ASN A 736 24.17 -6.22 -6.82
C ASN A 736 24.66 -5.88 -8.25
N ASP A 737 25.05 -4.64 -8.51
CA ASP A 737 25.65 -4.24 -9.81
C ASP A 737 26.92 -5.08 -10.05
N PHE A 738 27.76 -5.24 -9.03
CA PHE A 738 28.96 -6.11 -9.12
C PHE A 738 28.55 -7.53 -9.52
N VAL A 739 27.55 -8.08 -8.83
CA VAL A 739 27.10 -9.49 -9.04
C VAL A 739 26.57 -9.65 -10.46
N LYS A 740 25.82 -8.69 -10.96
CA LYS A 740 25.23 -8.73 -12.33
C LYS A 740 26.34 -8.78 -13.40
N VAL A 741 27.39 -7.98 -13.26
CA VAL A 741 28.59 -8.01 -14.16
C VAL A 741 29.36 -9.30 -13.98
N SER A 742 29.69 -9.68 -12.75
CA SER A 742 30.53 -10.87 -12.51
C SER A 742 29.83 -12.14 -13.02
N SER A 743 28.51 -12.21 -12.89
CA SER A 743 27.75 -13.44 -13.19
C SER A 743 27.86 -13.76 -14.70
N GLN A 744 28.10 -12.77 -15.56
CA GLN A 744 28.28 -12.98 -17.03
C GLN A 744 29.75 -13.28 -17.42
N LYS A 745 30.68 -13.36 -16.48
CA LYS A 745 32.11 -13.51 -16.83
C LYS A 745 32.77 -14.71 -16.16
N THR A 746 32.20 -15.27 -15.09
CA THR A 746 32.83 -16.37 -14.32
C THR A 746 31.75 -17.27 -13.73
N THR A 747 32.18 -18.26 -12.99
CA THR A 747 31.34 -19.30 -12.39
C THR A 747 30.71 -18.73 -11.12
N LYS A 748 29.61 -19.33 -10.69
CA LYS A 748 28.82 -18.80 -9.56
C LYS A 748 29.66 -18.92 -8.29
N PRO A 749 30.39 -20.04 -8.01
CA PRO A 749 31.27 -20.06 -6.84
C PRO A 749 32.29 -18.90 -6.82
N GLN A 750 32.83 -18.51 -7.97
CA GLN A 750 33.78 -17.38 -8.04
C GLN A 750 33.05 -16.04 -7.81
N THR A 751 31.88 -15.83 -8.40
CA THR A 751 31.13 -14.56 -8.20
C THR A 751 30.72 -14.48 -6.71
N LYS A 752 30.33 -15.61 -6.13
CA LYS A 752 29.86 -15.68 -4.72
C LYS A 752 31.06 -15.37 -3.81
N GLU A 753 32.25 -15.86 -4.16
CA GLU A 753 33.44 -15.60 -3.31
C GLU A 753 33.82 -14.12 -3.39
N MET A 754 33.77 -13.51 -4.57
CA MET A 754 34.10 -12.10 -4.73
C MET A 754 32.99 -11.23 -4.13
N MET A 755 31.75 -11.70 -4.16
CA MET A 755 30.64 -11.04 -3.41
C MET A 755 31.03 -10.95 -1.92
N HIS A 756 31.47 -12.07 -1.34
CA HIS A 756 31.85 -12.15 0.10
C HIS A 756 33.05 -11.24 0.35
N MET A 757 34.04 -11.21 -0.54
CA MET A 757 35.21 -10.31 -0.33
C MET A 757 34.70 -8.86 -0.36
N CYS A 758 33.80 -8.51 -1.27
CA CYS A 758 33.25 -7.14 -1.29
C CYS A 758 32.58 -6.80 0.06
N MET A 759 31.82 -7.76 0.61
CA MET A 759 30.99 -7.55 1.83
C MET A 759 31.91 -7.47 3.04
N ARG A 760 33.06 -8.16 3.00
CA ARG A 760 34.02 -8.15 4.14
C ARG A 760 34.80 -6.85 4.22
N GLN A 761 34.67 -5.93 3.26
CA GLN A 761 35.22 -4.57 3.35
C GLN A 761 34.58 -3.87 4.56
N GLU A 762 35.35 -3.03 5.26
CA GLU A 762 34.85 -2.38 6.49
C GLU A 762 33.63 -1.52 6.18
N THR A 763 33.61 -0.82 5.06
CA THR A 763 32.49 0.10 4.72
C THR A 763 31.23 -0.75 4.55
N TYR A 764 31.35 -1.91 3.92
CA TYR A 764 30.19 -2.83 3.74
C TYR A 764 29.72 -3.45 5.07
N MET A 765 30.63 -4.01 5.88
CA MET A 765 30.28 -4.69 7.15
C MET A 765 29.58 -3.66 8.07
N GLU A 766 30.02 -2.42 8.03
CA GLU A 766 29.44 -1.35 8.88
C GLU A 766 28.04 -0.98 8.35
N ALA A 767 27.92 -0.69 7.07
CA ALA A 767 26.66 -0.21 6.44
C ALA A 767 25.61 -1.32 6.48
N LEU A 768 25.99 -2.59 6.32
CA LEU A 768 24.99 -3.68 6.21
C LEU A 768 24.62 -4.23 7.57
N SER A 769 25.26 -3.81 8.67
CA SER A 769 25.00 -4.38 10.00
C SER A 769 24.26 -3.38 10.88
N HIS A 770 23.49 -3.90 11.84
CA HIS A 770 22.88 -3.11 12.93
C HIS A 770 21.90 -2.08 12.39
N LEU A 771 20.85 -2.57 11.74
CA LEU A 771 19.75 -1.72 11.26
C LEU A 771 18.41 -2.37 11.57
N GLN A 772 17.38 -1.54 11.56
CA GLN A 772 16.00 -2.00 11.59
C GLN A 772 15.66 -2.46 10.17
N SER A 773 15.03 -3.61 10.04
CA SER A 773 14.61 -4.10 8.70
C SER A 773 13.62 -3.16 8.04
N PRO A 774 13.88 -2.66 6.81
CA PRO A 774 12.86 -1.92 6.07
C PRO A 774 11.57 -2.74 5.91
N LEU A 775 11.65 -4.07 5.99
CA LEU A 775 10.45 -4.90 5.81
C LEU A 775 9.55 -4.93 7.04
N ASP A 776 10.13 -4.62 8.19
CA ASP A 776 9.43 -4.72 9.48
C ASP A 776 10.35 -4.09 10.49
N PRO A 777 10.05 -2.85 10.94
CA PRO A 777 10.97 -2.17 11.83
C PRO A 777 11.09 -2.87 13.20
N SER A 778 10.27 -3.86 13.50
CA SER A 778 10.43 -4.60 14.79
C SER A 778 11.49 -5.70 14.62
N THR A 779 11.84 -6.03 13.38
CA THR A 779 12.89 -7.02 13.09
C THR A 779 14.20 -6.29 13.06
N LEU A 780 15.17 -6.69 13.89
CA LEU A 780 16.52 -6.10 13.94
C LEU A 780 17.46 -6.97 13.10
N LEU A 781 18.12 -6.37 12.12
CA LEU A 781 19.16 -6.99 11.27
C LEU A 781 20.49 -6.67 11.92
N GLU A 782 21.04 -7.61 12.68
CA GLU A 782 22.22 -7.30 13.54
C GLU A 782 23.52 -7.59 12.77
N GLU A 783 24.14 -8.76 12.94
CA GLU A 783 25.43 -9.09 12.29
C GLU A 783 25.14 -9.74 10.94
N VAL A 784 25.72 -9.22 9.88
CA VAL A 784 25.48 -9.80 8.55
C VAL A 784 26.36 -11.07 8.52
N CYS A 785 25.78 -12.17 8.12
CA CYS A 785 26.41 -13.46 8.06
CA CYS A 785 26.42 -13.51 8.06
C CYS A 785 26.96 -13.75 6.65
N VAL A 786 28.08 -13.13 6.30
CA VAL A 786 28.63 -13.04 4.92
C VAL A 786 28.67 -14.46 4.31
N GLU A 787 29.10 -15.45 5.09
CA GLU A 787 29.38 -16.80 4.53
C GLU A 787 28.10 -17.40 3.93
N GLN A 788 26.94 -17.08 4.52
CA GLN A 788 25.62 -17.56 4.07
C GLN A 788 24.94 -16.63 3.04
N CYS A 789 25.53 -15.51 2.68
CA CYS A 789 24.93 -14.62 1.64
C CYS A 789 25.19 -15.21 0.27
N THR A 790 24.25 -14.98 -0.63
CA THR A 790 24.41 -15.51 -2.01
C THR A 790 23.59 -14.67 -2.96
N PHE A 791 23.40 -15.17 -4.17
CA PHE A 791 22.45 -14.54 -5.10
C PHE A 791 21.67 -15.64 -5.84
N MET A 792 20.50 -15.26 -6.33
CA MET A 792 19.61 -16.11 -7.17
C MET A 792 20.05 -16.05 -8.65
N ASP A 793 19.83 -17.15 -9.37
CA ASP A 793 20.23 -17.33 -10.79
C ASP A 793 19.25 -16.63 -11.75
N SER A 794 18.08 -16.19 -11.29
CA SER A 794 17.11 -15.41 -12.10
C SER A 794 17.74 -14.12 -12.65
N LYS A 795 17.12 -13.50 -13.65
CA LYS A 795 17.74 -12.53 -14.59
C LYS A 795 18.40 -11.34 -13.87
N MET A 796 17.76 -10.79 -12.87
CA MET A 796 18.28 -9.58 -12.17
C MET A 796 19.25 -10.01 -11.06
N LYS A 797 19.54 -11.30 -10.88
CA LYS A 797 20.49 -11.85 -9.86
C LYS A 797 20.20 -11.24 -8.49
N PRO A 798 18.97 -11.39 -7.96
CA PRO A 798 18.67 -10.84 -6.63
C PRO A 798 19.58 -11.44 -5.54
N LEU A 799 19.94 -10.59 -4.60
CA LEU A 799 20.88 -10.92 -3.53
C LEU A 799 20.12 -11.50 -2.35
N TRP A 800 20.70 -12.56 -1.79
CA TRP A 800 20.21 -13.26 -0.58
C TRP A 800 21.13 -12.92 0.59
N ILE A 801 20.66 -12.07 1.51
CA ILE A 801 21.44 -11.55 2.66
C ILE A 801 20.92 -12.16 3.95
N MET A 802 21.78 -12.87 4.67
CA MET A 802 21.42 -13.52 5.96
C MET A 802 22.03 -12.74 7.13
N TYR A 803 21.29 -12.71 8.22
CA TYR A 803 21.65 -12.05 9.49
C TYR A 803 21.59 -13.06 10.64
N SER A 804 22.30 -12.75 11.72
CA SER A 804 22.16 -13.46 13.03
C SER A 804 22.23 -12.45 14.16
N SER A 805 21.62 -12.79 15.29
CA SER A 805 21.57 -11.94 16.49
C SER A 805 21.66 -12.82 17.74
N GLU A 806 22.74 -12.67 18.52
CA GLU A 806 22.93 -13.42 19.80
C GLU A 806 21.71 -13.17 20.70
N GLU A 807 21.27 -11.90 20.86
CA GLU A 807 20.18 -11.53 21.82
C GLU A 807 18.83 -12.13 21.40
N ALA A 808 18.56 -12.29 20.11
CA ALA A 808 17.31 -12.88 19.60
C ALA A 808 17.43 -14.42 19.56
N GLY A 809 18.65 -14.97 19.68
CA GLY A 809 18.89 -16.41 19.46
C GLY A 809 18.42 -16.83 18.07
N SER A 810 17.66 -17.93 17.98
CA SER A 810 17.19 -18.54 16.70
C SER A 810 16.29 -17.58 15.89
N ALA A 811 15.56 -16.66 16.52
CA ALA A 811 14.60 -15.74 15.86
C ALA A 811 15.31 -14.53 15.25
N GLY A 812 16.61 -14.36 15.54
CA GLY A 812 17.47 -13.31 14.94
C GLY A 812 18.06 -13.80 13.63
N ASN A 813 17.86 -15.10 13.32
CA ASN A 813 18.41 -15.73 12.11
C ASN A 813 17.39 -15.49 11.02
N VAL A 814 17.59 -14.40 10.29
CA VAL A 814 16.59 -13.90 9.30
C VAL A 814 17.32 -13.53 8.03
N GLY A 815 16.60 -13.63 6.94
CA GLY A 815 17.05 -13.36 5.58
C GLY A 815 16.25 -12.21 4.93
N ILE A 816 16.94 -11.44 4.09
CA ILE A 816 16.30 -10.49 3.14
C ILE A 816 16.81 -10.74 1.74
N ILE A 817 15.92 -10.50 0.79
CA ILE A 817 16.34 -10.48 -0.62
C ILE A 817 16.25 -9.05 -1.12
N PHE A 818 17.30 -8.63 -1.80
CA PHE A 818 17.36 -7.34 -2.50
C PHE A 818 17.26 -7.62 -4.00
N LYS A 819 16.25 -7.02 -4.61
CA LYS A 819 15.97 -7.19 -6.04
C LYS A 819 16.00 -5.83 -6.69
N ASN A 820 16.82 -5.68 -7.73
CA ASN A 820 16.99 -4.42 -8.47
C ASN A 820 16.96 -4.70 -9.98
N GLY A 821 16.16 -3.93 -10.70
CA GLY A 821 16.15 -3.92 -12.17
C GLY A 821 14.77 -4.25 -12.76
N ASP A 822 13.87 -4.88 -12.01
CA ASP A 822 12.53 -5.29 -12.49
C ASP A 822 11.53 -4.33 -11.86
N ASP A 823 10.42 -4.06 -12.54
CA ASP A 823 9.29 -3.28 -11.97
C ASP A 823 8.50 -4.23 -11.07
N LEU A 824 8.41 -3.88 -9.78
CA LEU A 824 7.88 -4.73 -8.69
C LEU A 824 6.47 -4.32 -8.32
N ARG A 825 5.99 -3.17 -8.79
CA ARG A 825 4.79 -2.51 -8.22
C ARG A 825 3.54 -3.40 -8.34
N GLN A 826 3.31 -4.04 -9.47
CA GLN A 826 2.15 -4.94 -9.64
C GLN A 826 2.24 -6.12 -8.69
N ASP A 827 3.41 -6.78 -8.57
CA ASP A 827 3.57 -7.93 -7.64
C ASP A 827 3.40 -7.48 -6.19
N MET A 828 3.82 -6.28 -5.83
CA MET A 828 3.66 -5.73 -4.44
C MET A 828 2.18 -5.59 -4.15
N LEU A 829 1.40 -5.10 -5.11
CA LEU A 829 -0.08 -4.98 -4.94
C LEU A 829 -0.71 -6.37 -4.82
N THR A 830 -0.31 -7.31 -5.64
CA THR A 830 -0.82 -8.68 -5.58
C THR A 830 -0.56 -9.26 -4.18
N LEU A 831 0.66 -9.14 -3.67
CA LEU A 831 1.00 -9.69 -2.34
C LEU A 831 0.21 -9.00 -1.23
N GLN A 832 0.05 -7.69 -1.30
CA GLN A 832 -0.79 -6.93 -0.36
C GLN A 832 -2.23 -7.47 -0.39
N MET A 833 -2.77 -7.78 -1.56
CA MET A 833 -4.18 -8.24 -1.67
C MET A 833 -4.30 -9.64 -1.09
N ILE A 834 -3.31 -10.49 -1.27
CA ILE A 834 -3.33 -11.84 -0.68
C ILE A 834 -3.24 -11.69 0.85
N GLN A 835 -2.44 -10.73 1.33
CA GLN A 835 -2.26 -10.49 2.78
C GLN A 835 -3.61 -10.02 3.32
N LEU A 836 -4.32 -9.20 2.55
CA LEU A 836 -5.66 -8.69 3.00
C LEU A 836 -6.65 -9.87 3.05
N MET A 837 -6.69 -10.70 2.02
CA MET A 837 -7.52 -11.93 1.99
C MET A 837 -7.29 -12.77 3.24
N ASP A 838 -6.03 -13.04 3.58
CA ASP A 838 -5.67 -13.80 4.79
C ASP A 838 -6.27 -13.14 6.05
N VAL A 839 -6.19 -11.81 6.17
CA VAL A 839 -6.74 -11.11 7.37
C VAL A 839 -8.25 -11.31 7.40
N LEU A 840 -8.92 -11.14 6.24
CA LEU A 840 -10.39 -11.28 6.16
C LEU A 840 -10.81 -12.69 6.52
N TRP A 841 -10.11 -13.66 5.98
CA TRP A 841 -10.38 -15.07 6.33
C TRP A 841 -10.22 -15.31 7.83
N LYS A 842 -9.12 -14.91 8.43
CA LYS A 842 -8.85 -15.13 9.86
C LYS A 842 -9.89 -14.39 10.71
N GLN A 843 -10.34 -13.20 10.27
CA GLN A 843 -11.39 -12.44 11.00
C GLN A 843 -12.70 -13.25 11.06
N GLU A 844 -12.97 -14.15 10.10
CA GLU A 844 -14.16 -15.04 10.10
C GLU A 844 -13.78 -16.45 10.56
N GLY A 845 -12.70 -16.62 11.32
CA GLY A 845 -12.31 -17.89 11.97
C GLY A 845 -11.78 -18.92 10.97
N LEU A 846 -11.35 -18.49 9.78
CA LEU A 846 -10.77 -19.37 8.74
C LEU A 846 -9.29 -19.08 8.60
N ASP A 847 -8.43 -19.96 9.13
CA ASP A 847 -6.96 -19.81 9.01
C ASP A 847 -6.45 -20.76 7.90
N LEU A 848 -6.19 -20.26 6.68
CA LEU A 848 -5.70 -21.14 5.54
C LEU A 848 -4.16 -21.23 5.54
N ARG A 849 -3.50 -20.89 6.65
CA ARG A 849 -2.06 -21.10 6.87
C ARG A 849 -1.33 -20.44 5.70
N MET A 850 -1.66 -19.18 5.42
CA MET A 850 -0.95 -18.44 4.36
C MET A 850 0.43 -18.00 4.84
N THR A 851 1.27 -17.55 3.92
CA THR A 851 2.64 -17.06 4.14
C THR A 851 2.72 -15.65 3.60
N PRO A 852 2.15 -14.65 4.30
CA PRO A 852 2.20 -13.26 3.82
C PRO A 852 3.58 -12.63 4.10
N TYR A 853 4.61 -13.15 3.45
CA TYR A 853 6.00 -12.65 3.63
C TYR A 853 6.06 -11.18 3.27
N GLY A 854 6.91 -10.49 4.00
CA GLY A 854 7.11 -9.04 3.81
C GLY A 854 7.71 -8.74 2.47
N CYS A 855 7.28 -7.64 1.86
CA CYS A 855 7.77 -7.20 0.55
CA CYS A 855 7.89 -7.17 0.60
C CYS A 855 7.59 -5.69 0.52
N LEU A 856 8.62 -4.92 0.18
CA LEU A 856 8.51 -3.45 0.21
C LEU A 856 9.20 -2.90 -1.02
N PRO A 857 8.60 -1.97 -1.81
CA PRO A 857 9.40 -1.15 -2.70
C PRO A 857 10.27 -0.14 -1.92
N THR A 858 11.52 0.09 -2.33
CA THR A 858 12.45 1.04 -1.66
C THR A 858 12.93 2.14 -2.60
N GLY A 859 12.91 1.88 -3.91
CA GLY A 859 13.46 2.81 -4.92
C GLY A 859 13.06 2.44 -6.32
N ASP A 860 13.74 3.04 -7.29
CA ASP A 860 13.47 2.84 -8.73
C ASP A 860 13.73 1.38 -9.09
N ARG A 861 12.69 0.60 -9.36
CA ARG A 861 12.80 -0.83 -9.69
C ARG A 861 13.63 -1.57 -8.64
N THR A 862 13.44 -1.18 -7.39
CA THR A 862 14.20 -1.77 -6.26
C THR A 862 13.26 -2.09 -5.14
N GLY A 863 13.48 -3.23 -4.51
CA GLY A 863 12.72 -3.55 -3.30
C GLY A 863 13.36 -4.66 -2.51
N LEU A 864 12.78 -4.89 -1.35
CA LEU A 864 13.23 -5.95 -0.43
C LEU A 864 12.11 -6.98 -0.30
N ILE A 865 12.50 -8.22 -0.01
CA ILE A 865 11.59 -9.36 0.24
C ILE A 865 12.10 -10.07 1.50
N GLU A 866 11.19 -10.41 2.39
CA GLU A 866 11.49 -11.23 3.58
C GLU A 866 11.66 -12.68 3.11
N VAL A 867 12.78 -13.28 3.43
CA VAL A 867 13.03 -14.69 3.09
C VAL A 867 12.18 -15.60 3.99
N VAL A 868 11.53 -16.58 3.39
CA VAL A 868 10.90 -17.70 4.09
C VAL A 868 11.94 -18.83 4.15
N LEU A 869 12.46 -19.07 5.34
CA LEU A 869 13.52 -20.09 5.50
C LEU A 869 12.89 -21.48 5.49
N HIS A 870 13.71 -22.52 5.49
CA HIS A 870 13.18 -23.90 5.63
C HIS A 870 12.08 -24.13 4.59
N SER A 871 12.35 -23.80 3.32
CA SER A 871 11.43 -24.02 2.19
C SER A 871 12.22 -24.43 0.94
N ASP A 872 11.53 -25.00 -0.03
CA ASP A 872 12.16 -25.31 -1.34
C ASP A 872 11.11 -25.16 -2.43
N THR A 873 11.53 -25.11 -3.67
CA THR A 873 10.59 -24.99 -4.81
C THR A 873 10.02 -26.38 -5.09
N ILE A 874 8.79 -26.36 -5.57
CA ILE A 874 8.05 -27.59 -5.98
C ILE A 874 8.89 -28.19 -7.12
N ALA A 875 9.41 -27.35 -8.02
CA ALA A 875 10.25 -27.81 -9.17
C ALA A 875 11.45 -28.60 -8.61
N ASN A 876 12.15 -28.04 -7.61
CA ASN A 876 13.38 -28.66 -7.06
C ASN A 876 13.04 -30.01 -6.45
N ILE A 877 11.93 -30.10 -5.72
CA ILE A 877 11.50 -31.35 -5.05
C ILE A 877 11.14 -32.40 -6.13
N GLN A 878 10.43 -31.98 -7.18
CA GLN A 878 9.91 -32.85 -8.26
C GLN A 878 11.03 -33.31 -9.22
N LEU A 879 12.26 -32.83 -9.03
CA LEU A 879 13.44 -33.36 -9.80
C LEU A 879 13.73 -34.79 -9.32
N ASN A 880 13.31 -35.13 -8.10
CA ASN A 880 13.25 -36.53 -7.60
C ASN A 880 14.68 -37.09 -7.68
N LYS A 881 15.59 -36.35 -7.06
CA LYS A 881 17.04 -36.64 -7.05
C LYS A 881 17.23 -37.96 -6.31
N SER A 882 18.15 -38.80 -6.76
CA SER A 882 18.45 -40.10 -6.09
C SER A 882 19.19 -39.83 -4.79
N ASN A 883 19.28 -40.82 -3.90
CA ASN A 883 20.12 -40.76 -2.68
C ASN A 883 19.61 -39.64 -1.76
N MET A 884 18.29 -39.37 -1.76
CA MET A 884 17.65 -38.37 -0.88
C MET A 884 16.54 -39.07 -0.09
N ALA A 885 16.15 -38.53 1.08
CA ALA A 885 15.06 -39.06 1.94
C ALA A 885 13.73 -39.03 1.18
N ALA A 886 13.59 -38.13 0.20
CA ALA A 886 12.37 -37.88 -0.62
C ALA A 886 12.34 -38.73 -1.92
N THR A 887 13.45 -39.35 -2.35
CA THR A 887 13.49 -40.14 -3.62
C THR A 887 12.32 -41.13 -3.65
N ALA A 888 11.69 -41.34 -4.83
CA ALA A 888 10.36 -42.01 -4.97
C ALA A 888 10.32 -42.99 -6.15
N ALA A 889 9.43 -43.97 -6.04
CA ALA A 889 9.18 -44.98 -7.10
C ALA A 889 8.39 -44.36 -8.28
N PHE A 890 7.47 -43.44 -7.98
CA PHE A 890 6.66 -42.73 -9.00
C PHE A 890 6.86 -41.21 -8.75
N ASN A 891 7.04 -40.42 -9.79
CA ASN A 891 7.38 -38.96 -9.63
C ASN A 891 6.24 -38.30 -8.83
N LYS A 892 5.00 -38.74 -9.01
CA LYS A 892 3.83 -38.24 -8.22
C LYS A 892 4.04 -38.38 -6.70
N ASP A 893 4.90 -39.29 -6.19
CA ASP A 893 5.09 -39.40 -4.71
C ASP A 893 6.22 -38.51 -4.13
N ALA A 894 6.94 -37.75 -4.96
CA ALA A 894 8.14 -37.00 -4.56
C ALA A 894 7.74 -35.92 -3.54
N LEU A 895 6.68 -35.18 -3.82
CA LEU A 895 6.24 -34.11 -2.85
C LEU A 895 5.81 -34.74 -1.51
N LEU A 896 4.99 -35.79 -1.57
CA LEU A 896 4.56 -36.49 -0.35
C LEU A 896 5.75 -37.08 0.41
N ASN A 897 6.71 -37.71 -0.28
CA ASN A 897 7.89 -38.27 0.40
C ASN A 897 8.71 -37.17 1.03
N TRP A 898 8.76 -35.99 0.40
CA TRP A 898 9.54 -34.85 0.97
C TRP A 898 8.89 -34.45 2.31
N LEU A 899 7.59 -34.27 2.30
CA LEU A 899 6.76 -33.92 3.48
C LEU A 899 6.96 -34.95 4.59
N LYS A 900 6.94 -36.23 4.25
CA LYS A 900 7.16 -37.30 5.25
C LYS A 900 8.55 -37.14 5.86
N SER A 901 9.57 -36.86 5.04
CA SER A 901 10.99 -36.74 5.48
C SER A 901 11.12 -35.58 6.45
N LYS A 902 10.37 -34.50 6.24
CA LYS A 902 10.43 -33.31 7.12
C LYS A 902 9.46 -33.43 8.30
N ASN A 903 8.50 -34.36 8.26
CA ASN A 903 7.38 -34.46 9.24
C ASN A 903 7.17 -35.94 9.57
N PRO A 904 8.10 -36.57 10.30
CA PRO A 904 8.03 -38.02 10.55
C PRO A 904 6.94 -38.30 11.60
N GLY A 905 6.59 -39.59 11.76
CA GLY A 905 5.53 -40.05 12.69
C GLY A 905 4.23 -39.28 12.58
N GLU A 906 3.75 -38.74 13.70
CA GLU A 906 2.39 -38.15 13.88
C GLU A 906 2.35 -36.76 13.23
N ALA A 907 3.51 -36.12 13.04
CA ALA A 907 3.66 -34.78 12.44
C ALA A 907 3.17 -34.77 10.99
N LEU A 908 3.16 -35.89 10.27
CA LEU A 908 2.79 -35.86 8.84
C LEU A 908 1.38 -35.34 8.65
N ASP A 909 0.43 -35.78 9.49
CA ASP A 909 -1.00 -35.40 9.35
C ASP A 909 -1.11 -33.86 9.38
N ARG A 910 -0.44 -33.21 10.32
CA ARG A 910 -0.53 -31.71 10.45
C ARG A 910 0.02 -31.06 9.16
N ALA A 911 1.13 -31.58 8.64
CA ALA A 911 1.79 -31.03 7.44
C ALA A 911 0.85 -31.17 6.26
N ILE A 912 0.19 -32.33 6.09
CA ILE A 912 -0.75 -32.50 4.98
C ILE A 912 -1.93 -31.52 5.13
N GLU A 913 -2.39 -31.25 6.34
CA GLU A 913 -3.48 -30.28 6.56
C GLU A 913 -3.00 -28.88 6.13
N GLU A 914 -1.79 -28.48 6.54
CA GLU A 914 -1.20 -27.13 6.28
C GLU A 914 -1.05 -26.94 4.79
N PHE A 915 -0.62 -27.99 4.09
CA PHE A 915 -0.57 -28.04 2.63
C PHE A 915 -1.97 -27.84 2.03
N THR A 916 -2.96 -28.59 2.52
CA THR A 916 -4.33 -28.49 2.00
C THR A 916 -4.92 -27.09 2.23
N LEU A 917 -4.74 -26.56 3.44
CA LEU A 917 -5.35 -25.23 3.74
C LEU A 917 -4.75 -24.16 2.81
N SER A 918 -3.43 -24.10 2.76
CA SER A 918 -2.68 -23.09 1.94
C SER A 918 -3.00 -23.29 0.46
N CYS A 919 -3.12 -24.54 0.00
CA CYS A 919 -3.51 -24.81 -1.38
C CYS A 919 -4.85 -24.14 -1.65
N ALA A 920 -5.82 -24.27 -0.75
CA ALA A 920 -7.14 -23.66 -0.94
C ALA A 920 -7.00 -22.16 -1.02
N GLY A 921 -6.28 -21.58 -0.07
CA GLY A 921 -6.09 -20.13 -0.02
C GLY A 921 -5.50 -19.59 -1.32
N TYR A 922 -4.37 -20.15 -1.78
CA TYR A 922 -3.69 -19.69 -3.01
C TYR A 922 -4.58 -19.99 -4.23
N CYS A 923 -5.33 -21.11 -4.28
CA CYS A 923 -6.22 -21.43 -5.43
C CYS A 923 -7.28 -20.32 -5.57
N VAL A 924 -7.92 -19.93 -4.45
CA VAL A 924 -9.01 -18.91 -4.43
C VAL A 924 -8.39 -17.55 -4.72
N ALA A 925 -7.28 -17.21 -4.06
CA ALA A 925 -6.68 -15.86 -4.24
C ALA A 925 -6.34 -15.64 -5.72
N THR A 926 -5.67 -16.61 -6.36
CA THR A 926 -5.19 -16.49 -7.75
C THR A 926 -6.38 -16.45 -8.72
N TYR A 927 -7.45 -17.18 -8.43
CA TYR A 927 -8.68 -17.22 -9.26
C TYR A 927 -9.31 -15.83 -9.27
N VAL A 928 -9.46 -15.27 -8.07
CA VAL A 928 -10.14 -13.96 -7.88
C VAL A 928 -9.35 -12.85 -8.59
N LEU A 929 -8.02 -12.89 -8.52
CA LEU A 929 -7.13 -11.83 -9.06
C LEU A 929 -6.76 -12.12 -10.51
N GLY A 930 -7.13 -13.29 -11.03
CA GLY A 930 -7.01 -13.57 -12.47
C GLY A 930 -5.55 -13.77 -12.78
N ILE A 931 -4.90 -14.52 -11.91
CA ILE A 931 -3.50 -15.00 -12.04
C ILE A 931 -3.59 -16.44 -12.51
N GLY A 932 -3.15 -16.72 -13.74
CA GLY A 932 -3.23 -18.05 -14.36
C GLY A 932 -1.87 -18.71 -14.40
N ASP A 933 -1.06 -18.32 -15.41
CA ASP A 933 0.33 -18.79 -15.72
C ASP A 933 0.97 -19.41 -14.47
N ARG A 934 0.56 -20.63 -14.10
CA ARG A 934 1.06 -21.31 -12.87
C ARG A 934 2.04 -22.42 -13.26
N HIS A 935 3.28 -22.35 -12.76
CA HIS A 935 4.31 -23.42 -12.92
C HIS A 935 5.18 -23.54 -11.67
N SER A 936 5.74 -24.75 -11.50
CA SER A 936 6.22 -25.31 -10.22
C SER A 936 7.52 -24.63 -9.80
N ASP A 937 8.18 -23.90 -10.69
CA ASP A 937 9.41 -23.19 -10.27
C ASP A 937 9.03 -21.84 -9.66
N ASN A 938 7.74 -21.46 -9.65
CA ASN A 938 7.26 -20.21 -8.96
C ASN A 938 6.50 -20.54 -7.66
N ILE A 939 6.32 -21.82 -7.35
CA ILE A 939 5.65 -22.24 -6.10
C ILE A 939 6.71 -22.83 -5.20
N MET A 940 6.66 -22.47 -3.94
CA MET A 940 7.53 -22.98 -2.89
C MET A 940 6.66 -23.66 -1.83
N ILE A 941 7.29 -24.55 -1.06
CA ILE A 941 6.70 -25.31 0.05
C ILE A 941 7.59 -25.19 1.27
N ARG A 942 6.99 -24.89 2.42
CA ARG A 942 7.70 -24.86 3.69
C ARG A 942 7.77 -26.29 4.26
N GLU A 943 8.77 -26.54 5.10
CA GLU A 943 8.94 -27.84 5.83
C GLU A 943 7.68 -28.17 6.65
N SER A 944 6.90 -27.15 7.06
CA SER A 944 5.56 -27.30 7.70
C SER A 944 4.48 -27.84 6.77
N GLY A 945 4.69 -27.84 5.46
CA GLY A 945 3.64 -28.20 4.50
C GLY A 945 3.06 -27.00 3.82
N GLN A 946 3.24 -25.76 4.33
CA GLN A 946 2.56 -24.61 3.70
C GLN A 946 3.11 -24.27 2.29
N LEU A 947 2.23 -24.01 1.35
CA LEU A 947 2.55 -23.62 -0.05
C LEU A 947 2.62 -22.10 -0.07
N PHE A 948 3.46 -21.51 -0.90
CA PHE A 948 3.40 -20.05 -1.19
C PHE A 948 3.97 -19.79 -2.58
N HIS A 949 3.64 -18.62 -3.14
CA HIS A 949 4.04 -18.27 -4.53
C HIS A 949 5.14 -17.22 -4.47
N ILE A 950 6.09 -17.28 -5.41
CA ILE A 950 7.24 -16.33 -5.45
C ILE A 950 7.26 -15.58 -6.79
N ASP A 951 6.29 -15.79 -7.66
CA ASP A 951 6.06 -14.90 -8.83
C ASP A 951 4.63 -15.06 -9.30
N PHE A 952 4.12 -14.10 -10.08
CA PHE A 952 2.72 -14.05 -10.56
C PHE A 952 2.75 -13.90 -12.09
N GLY A 953 2.28 -12.83 -12.75
CA GLY A 953 1.18 -11.96 -12.38
C GLY A 953 1.35 -10.56 -13.00
N HIS A 954 1.00 -10.36 -14.28
CA HIS A 954 0.12 -11.17 -15.13
C HIS A 954 -1.23 -11.37 -14.44
N PHE A 955 -2.02 -10.31 -14.24
CA PHE A 955 -3.22 -10.34 -13.36
C PHE A 955 -4.40 -9.60 -14.01
N LEU A 956 -5.58 -9.77 -13.39
CA LEU A 956 -6.87 -9.38 -14.00
C LEU A 956 -6.92 -9.86 -15.46
N GLY A 957 -6.43 -11.09 -15.70
CA GLY A 957 -6.45 -11.79 -17.00
C GLY A 957 -5.67 -11.08 -18.10
N ASN A 958 -4.82 -10.11 -17.75
CA ASN A 958 -3.88 -9.43 -18.67
C ASN A 958 -2.73 -10.41 -18.95
N PHE A 959 -2.87 -11.22 -20.00
CA PHE A 959 -1.96 -12.33 -20.38
C PHE A 959 -0.83 -11.79 -21.27
N ARG A 969 -9.93 -14.07 -19.14
CA ARG A 969 -10.71 -14.84 -18.12
C ARG A 969 -9.99 -16.15 -17.76
N VAL A 970 -9.25 -16.21 -16.65
CA VAL A 970 -8.38 -17.39 -16.34
C VAL A 970 -9.22 -18.37 -15.53
N PRO A 971 -9.18 -19.69 -15.82
CA PRO A 971 -9.95 -20.63 -15.02
C PRO A 971 -9.36 -20.74 -13.61
N PHE A 972 -10.21 -21.19 -12.68
CA PHE A 972 -9.77 -21.83 -11.42
C PHE A 972 -8.79 -22.94 -11.81
N ILE A 973 -7.71 -23.11 -11.04
CA ILE A 973 -6.62 -24.08 -11.37
C ILE A 973 -6.44 -25.09 -10.23
N LEU A 974 -6.61 -26.38 -10.54
CA LEU A 974 -6.17 -27.49 -9.67
C LEU A 974 -5.05 -28.27 -10.35
N THR A 975 -3.98 -28.55 -9.61
CA THR A 975 -2.80 -29.33 -10.03
C THR A 975 -2.87 -30.74 -9.50
N TYR A 976 -2.81 -31.78 -10.35
CA TYR A 976 -2.86 -33.20 -9.96
C TYR A 976 -1.87 -33.52 -8.85
N ASP A 977 -0.63 -33.02 -8.90
CA ASP A 977 0.40 -33.44 -7.90
C ASP A 977 -0.01 -32.91 -6.51
N PHE A 978 -0.70 -31.79 -6.46
CA PHE A 978 -1.19 -31.17 -5.19
C PHE A 978 -2.48 -31.87 -4.72
N VAL A 979 -3.43 -32.12 -5.64
CA VAL A 979 -4.62 -32.98 -5.36
C VAL A 979 -4.10 -34.29 -4.79
N HIS A 980 -3.01 -34.81 -5.34
CA HIS A 980 -2.38 -36.08 -4.89
C HIS A 980 -1.94 -35.97 -3.41
N VAL A 981 -1.33 -34.86 -3.00
CA VAL A 981 -0.91 -34.72 -1.58
C VAL A 981 -2.17 -34.60 -0.68
N ILE A 982 -3.15 -33.86 -1.13
CA ILE A 982 -4.42 -33.51 -0.42
C ILE A 982 -5.16 -34.81 -0.10
N GLN A 983 -5.12 -35.75 -1.05
CA GLN A 983 -5.69 -37.12 -0.92
C GLN A 983 -4.72 -38.09 -0.26
N GLN A 984 -3.63 -37.62 0.35
CA GLN A 984 -2.73 -38.41 1.22
C GLN A 984 -2.06 -39.54 0.40
N GLY A 985 -1.94 -39.32 -0.89
CA GLY A 985 -1.22 -40.20 -1.84
C GLY A 985 -2.11 -41.32 -2.33
N LYS A 986 -3.43 -41.20 -2.14
CA LYS A 986 -4.44 -42.19 -2.56
C LYS A 986 -5.11 -41.72 -3.85
N THR A 987 -5.44 -42.67 -4.71
CA THR A 987 -6.06 -42.40 -6.02
C THR A 987 -7.45 -41.85 -5.76
N ASN A 988 -8.15 -42.49 -4.81
CA ASN A 988 -9.54 -42.16 -4.40
C ASN A 988 -9.54 -41.74 -2.94
N ASN A 989 -10.03 -40.53 -2.66
CA ASN A 989 -10.09 -40.02 -1.27
C ASN A 989 -11.06 -38.84 -1.23
N SER A 990 -12.33 -39.11 -1.46
CA SER A 990 -13.35 -38.07 -1.59
C SER A 990 -13.51 -37.38 -0.23
N GLU A 991 -13.17 -38.03 0.87
CA GLU A 991 -13.29 -37.45 2.23
C GLU A 991 -12.32 -36.26 2.35
N LYS A 992 -11.07 -36.43 1.93
CA LYS A 992 -10.07 -35.33 2.02
C LYS A 992 -10.30 -34.36 0.88
N PHE A 993 -10.53 -34.85 -0.33
CA PHE A 993 -10.76 -33.95 -1.46
C PHE A 993 -11.93 -33.00 -1.18
N GLU A 994 -13.06 -33.52 -0.68
CA GLU A 994 -14.27 -32.66 -0.53
C GLU A 994 -14.09 -31.63 0.60
N ARG A 995 -13.39 -31.99 1.66
CA ARG A 995 -12.95 -31.09 2.78
C ARG A 995 -12.17 -29.92 2.16
N PHE A 996 -11.22 -30.22 1.27
CA PHE A 996 -10.49 -29.21 0.46
C PHE A 996 -11.44 -28.32 -0.35
N ARG A 997 -12.40 -28.88 -1.09
CA ARG A 997 -13.38 -28.08 -1.84
C ARG A 997 -14.14 -27.17 -0.86
N GLY A 998 -14.46 -27.68 0.33
CA GLY A 998 -15.19 -26.92 1.37
C GLY A 998 -14.38 -25.70 1.79
N TYR A 999 -13.08 -25.88 1.97
CA TYR A 999 -12.15 -24.77 2.34
C TYR A 999 -12.16 -23.75 1.22
N CYS A 1000 -12.05 -24.15 -0.06
CA CYS A 1000 -12.14 -23.25 -1.24
C CYS A 1000 -13.46 -22.48 -1.25
N GLU A 1001 -14.59 -23.13 -0.97
CA GLU A 1001 -15.90 -22.46 -1.06
C GLU A 1001 -16.06 -21.41 0.06
N ARG A 1002 -15.65 -21.78 1.27
CA ARG A 1002 -15.73 -20.89 2.47
C ARG A 1002 -14.85 -19.66 2.22
N ALA A 1003 -13.63 -19.90 1.75
CA ALA A 1003 -12.70 -18.80 1.38
C ALA A 1003 -13.35 -17.90 0.34
N TYR A 1004 -13.91 -18.46 -0.75
CA TYR A 1004 -14.56 -17.68 -1.83
C TYR A 1004 -15.74 -16.88 -1.26
N THR A 1005 -16.60 -17.50 -0.46
CA THR A 1005 -17.79 -16.81 0.11
C THR A 1005 -17.36 -15.64 1.01
N ILE A 1006 -16.29 -15.76 1.80
CA ILE A 1006 -15.81 -14.67 2.68
C ILE A 1006 -15.36 -13.51 1.80
N LEU A 1007 -14.62 -13.76 0.71
CA LEU A 1007 -14.14 -12.63 -0.13
C LEU A 1007 -15.33 -11.89 -0.77
N ARG A 1008 -16.34 -12.61 -1.25
CA ARG A 1008 -17.57 -12.02 -1.87
C ARG A 1008 -18.19 -11.04 -0.89
N ARG A 1009 -18.19 -11.38 0.41
CA ARG A 1009 -18.88 -10.56 1.44
C ARG A 1009 -18.14 -9.26 1.59
N HIS A 1010 -16.83 -9.26 1.30
CA HIS A 1010 -15.94 -8.07 1.39
C HIS A 1010 -15.62 -7.55 -0.01
N GLY A 1011 -16.38 -7.97 -1.01
CA GLY A 1011 -16.19 -7.57 -2.41
C GLY A 1011 -16.06 -6.07 -2.57
N LEU A 1012 -16.88 -5.28 -1.87
CA LEU A 1012 -16.87 -3.80 -2.04
C LEU A 1012 -15.51 -3.24 -1.60
N LEU A 1013 -14.93 -3.76 -0.53
CA LEU A 1013 -13.60 -3.31 -0.03
C LEU A 1013 -12.54 -3.47 -1.14
N PHE A 1014 -12.42 -4.67 -1.71
CA PHE A 1014 -11.52 -4.90 -2.86
C PHE A 1014 -11.81 -3.87 -3.98
N LEU A 1015 -13.07 -3.69 -4.39
CA LEU A 1015 -13.38 -2.76 -5.51
C LEU A 1015 -13.01 -1.33 -5.15
N HIS A 1016 -13.29 -0.86 -3.93
CA HIS A 1016 -12.91 0.49 -3.47
C HIS A 1016 -11.39 0.63 -3.50
N LEU A 1017 -10.64 -0.35 -3.00
CA LEU A 1017 -9.16 -0.26 -3.00
C LEU A 1017 -8.60 -0.30 -4.42
N PHE A 1018 -9.06 -1.18 -5.28
CA PHE A 1018 -8.57 -1.23 -6.69
C PHE A 1018 -8.88 0.09 -7.41
N ALA A 1019 -10.02 0.70 -7.10
CA ALA A 1019 -10.40 2.00 -7.68
C ALA A 1019 -9.38 3.07 -7.27
N LEU A 1020 -8.93 3.04 -6.02
CA LEU A 1020 -7.93 4.00 -5.47
C LEU A 1020 -6.59 3.76 -6.22
N MET A 1021 -6.33 2.54 -6.65
CA MET A 1021 -5.02 2.08 -7.19
C MET A 1021 -4.90 2.46 -8.65
N ARG A 1022 -6.00 2.84 -9.29
CA ARG A 1022 -5.93 3.41 -10.65
C ARG A 1022 -5.10 4.71 -10.64
N ALA A 1023 -4.83 5.26 -9.46
CA ALA A 1023 -3.93 6.42 -9.27
C ALA A 1023 -2.49 6.06 -9.70
N ALA A 1024 -2.15 4.77 -9.66
CA ALA A 1024 -0.75 4.32 -9.48
C ALA A 1024 -0.05 4.18 -10.84
N GLY A 1025 -0.83 4.16 -11.94
CA GLY A 1025 -0.30 3.99 -13.30
C GLY A 1025 0.29 2.62 -13.51
N LEU A 1026 -0.35 1.58 -12.97
CA LEU A 1026 0.01 0.16 -13.24
C LEU A 1026 -0.59 -0.19 -14.58
N PRO A 1027 0.21 -0.69 -15.54
CA PRO A 1027 -0.30 -1.08 -16.85
C PRO A 1027 -1.54 -2.00 -16.84
N GLU A 1028 -1.65 -2.90 -15.87
CA GLU A 1028 -2.72 -3.93 -15.86
C GLU A 1028 -3.81 -3.54 -14.86
N LEU A 1029 -3.77 -2.32 -14.33
CA LEU A 1029 -4.88 -1.67 -13.57
C LEU A 1029 -5.09 -0.26 -14.14
N SER A 1030 -5.58 -0.22 -15.39
CA SER A 1030 -5.67 0.99 -16.25
C SER A 1030 -7.12 1.48 -16.37
N CYS A 1031 -8.05 0.58 -16.72
CA CYS A 1031 -9.42 0.90 -17.20
C CYS A 1031 -10.48 0.10 -16.42
N SER A 1032 -11.74 0.23 -16.84
CA SER A 1032 -12.93 -0.39 -16.19
C SER A 1032 -12.98 -1.88 -16.47
N LYS A 1033 -12.39 -2.34 -17.58
CA LYS A 1033 -12.27 -3.80 -17.89
C LYS A 1033 -11.49 -4.50 -16.77
N ASP A 1034 -10.40 -3.88 -16.30
CA ASP A 1034 -9.57 -4.42 -15.18
C ASP A 1034 -10.43 -4.50 -13.91
N ILE A 1035 -11.16 -3.44 -13.55
CA ILE A 1035 -12.04 -3.39 -12.34
C ILE A 1035 -13.17 -4.41 -12.51
N GLN A 1036 -13.69 -4.57 -13.74
CA GLN A 1036 -14.85 -5.43 -14.06
C GLN A 1036 -14.44 -6.89 -13.87
N TYR A 1037 -13.19 -7.21 -14.18
CA TYR A 1037 -12.62 -8.57 -13.94
C TYR A 1037 -12.86 -9.01 -12.48
N LEU A 1038 -12.68 -8.13 -11.49
CA LEU A 1038 -12.91 -8.45 -10.06
C LEU A 1038 -14.39 -8.73 -9.82
N LYS A 1039 -15.27 -7.88 -10.37
CA LYS A 1039 -16.74 -8.02 -10.26
C LYS A 1039 -17.15 -9.41 -10.73
N ASP A 1040 -16.66 -9.82 -11.90
CA ASP A 1040 -17.02 -11.12 -12.50
C ASP A 1040 -16.46 -12.22 -11.61
N SER A 1041 -15.21 -12.09 -11.12
CA SER A 1041 -14.52 -13.19 -10.38
C SER A 1041 -15.24 -13.42 -9.04
N LEU A 1042 -15.77 -12.35 -8.42
CA LEU A 1042 -16.48 -12.43 -7.12
C LEU A 1042 -18.00 -12.59 -7.33
N ALA A 1043 -18.52 -12.27 -8.53
CA ALA A 1043 -19.94 -12.49 -8.88
C ALA A 1043 -20.82 -11.65 -7.94
N LEU A 1044 -20.50 -10.36 -7.81
CA LEU A 1044 -21.18 -9.43 -6.87
C LEU A 1044 -22.64 -9.22 -7.26
N GLY A 1045 -22.98 -9.39 -8.55
CA GLY A 1045 -24.36 -9.24 -9.06
C GLY A 1045 -25.25 -10.31 -8.47
N LYS A 1046 -24.81 -11.57 -8.55
CA LYS A 1046 -25.56 -12.78 -8.16
C LYS A 1046 -25.83 -12.79 -6.64
N THR A 1047 -26.85 -13.55 -6.24
CA THR A 1047 -27.11 -14.00 -4.85
C THR A 1047 -25.97 -14.94 -4.45
N GLU A 1048 -25.77 -15.18 -3.15
CA GLU A 1048 -24.71 -16.09 -2.67
C GLU A 1048 -24.91 -17.52 -3.21
N GLU A 1049 -26.16 -17.93 -3.43
CA GLU A 1049 -26.50 -19.31 -3.88
C GLU A 1049 -26.07 -19.47 -5.35
N GLU A 1050 -26.35 -18.46 -6.17
CA GLU A 1050 -25.98 -18.38 -7.60
C GLU A 1050 -24.46 -18.28 -7.73
N ALA A 1051 -23.82 -17.39 -6.95
CA ALA A 1051 -22.34 -17.26 -6.88
C ALA A 1051 -21.73 -18.64 -6.61
N LEU A 1052 -22.13 -19.27 -5.51
CA LEU A 1052 -21.60 -20.57 -5.06
C LEU A 1052 -21.86 -21.66 -6.11
N LYS A 1053 -23.02 -21.63 -6.79
CA LYS A 1053 -23.38 -22.56 -7.90
C LYS A 1053 -22.35 -22.41 -9.03
N HIS A 1054 -22.19 -21.17 -9.50
CA HIS A 1054 -21.31 -20.73 -10.62
C HIS A 1054 -19.86 -21.09 -10.27
N PHE A 1055 -19.48 -20.91 -9.00
CA PHE A 1055 -18.13 -21.26 -8.49
C PHE A 1055 -17.93 -22.78 -8.56
N ARG A 1056 -18.97 -23.55 -8.23
CA ARG A 1056 -18.89 -25.04 -8.24
C ARG A 1056 -18.69 -25.54 -9.67
N VAL A 1057 -19.20 -24.83 -10.68
CA VAL A 1057 -18.98 -25.19 -12.11
C VAL A 1057 -17.49 -24.97 -12.45
N LYS A 1058 -16.92 -23.82 -12.08
CA LYS A 1058 -15.52 -23.48 -12.42
C LYS A 1058 -14.59 -24.51 -11.77
N PHE A 1059 -14.92 -24.95 -10.56
CA PHE A 1059 -14.11 -25.86 -9.73
C PHE A 1059 -14.09 -27.27 -10.33
N ASN A 1060 -15.26 -27.86 -10.60
CA ASN A 1060 -15.40 -29.19 -11.26
C ASN A 1060 -14.71 -29.17 -12.63
N GLU A 1061 -14.87 -28.10 -13.40
CA GLU A 1061 -14.14 -27.88 -14.68
C GLU A 1061 -12.63 -28.01 -14.46
N ALA A 1062 -12.09 -27.41 -13.39
CA ALA A 1062 -10.65 -27.42 -13.08
C ALA A 1062 -10.23 -28.83 -12.62
N LEU A 1063 -11.15 -29.58 -12.02
CA LEU A 1063 -10.89 -30.96 -11.59
C LEU A 1063 -10.74 -31.88 -12.84
N ARG A 1064 -11.63 -31.75 -13.82
CA ARG A 1064 -11.60 -32.56 -15.08
C ARG A 1064 -10.29 -32.28 -15.81
N GLU A 1065 -9.96 -31.00 -15.93
CA GLU A 1065 -8.72 -30.45 -16.57
C GLU A 1065 -7.45 -31.02 -15.89
N SER A 1066 -7.50 -31.32 -14.59
CA SER A 1066 -6.43 -32.01 -13.83
C SER A 1066 -6.28 -33.45 -14.38
N TRP A 1067 -5.48 -33.64 -15.46
CA TRP A 1067 -5.46 -34.84 -16.35
C TRP A 1067 -6.87 -35.22 -16.77
#